data_3IC1
#
_entry.id   3IC1
#
_cell.length_a   44.697
_cell.length_b   95.751
_cell.length_c   185.426
_cell.angle_alpha   90.00
_cell.angle_beta   90.00
_cell.angle_gamma   90.00
#
_symmetry.space_group_name_H-M   'P 21 21 21'
#
loop_
_entity.id
_entity.type
_entity.pdbx_description
1 polymer 'Succinyl-diaminopimelate desuccinylase'
2 non-polymer 'ZINC ION'
3 non-polymer GLYCEROL
4 non-polymer 'SULFATE ION'
5 water water
#
_entity_poly.entity_id   1
_entity_poly.type   'polypeptide(L)'
_entity_poly.pdbx_seq_one_letter_code
;MKEKVVSLAQDLIRRPSISPNDEGCQQIIAERLEKLGFQIEWMPFNDTLNLWAKHGTSEPVIAFAGHTDVVPTGDENQWS
SPPFSAEIIDGMLYGRGAADMKGSLAAMIVAAEEYVKANPNHKGTIALLITSDEEATAKDGTIHVVETLMARDEKITYCM
VGEPSSAKNLGDVVKNGRRGSITGNLYIQGIQGHVAYPHLAENPIHKAALFLQELTTYQWDKGNEFFPPTSLQIANIHAG
TGSNNVIPAELYIQFNLRYCTEVTDEIIKQKVAEMLEKHNLKYRIEWNLSGKPFLTKPGKLLDSITSAIEETIGITPKAE
TGGGTSDGRFIALMGAEVVEFGPLNSTIHKVNECVSVEDLGKCGEIYHKMLVNLLDS
;
_entity_poly.pdbx_strand_id   A,B
#
loop_
_chem_comp.id
_chem_comp.type
_chem_comp.name
_chem_comp.formula
GOL non-polymer GLYCEROL 'C3 H8 O3'
SO4 non-polymer 'SULFATE ION' 'O4 S -2'
ZN non-polymer 'ZINC ION' 'Zn 2'
#
# COMPACT_ATOMS: atom_id res chain seq x y z
N MET A 1 -49.99 12.44 24.74
CA MET A 1 -49.51 11.18 24.05
C MET A 1 -48.18 10.63 24.58
N LYS A 2 -47.58 11.37 25.52
CA LYS A 2 -46.33 10.96 26.20
C LYS A 2 -46.32 9.48 26.63
N GLU A 3 -47.31 9.07 27.40
CA GLU A 3 -47.24 7.78 28.05
C GLU A 3 -47.43 6.67 27.04
N LYS A 4 -48.23 6.89 26.02
CA LYS A 4 -48.28 5.90 24.93
C LYS A 4 -46.89 5.74 24.30
N VAL A 5 -46.20 6.84 24.06
CA VAL A 5 -44.89 6.77 23.39
C VAL A 5 -43.87 6.03 24.26
N VAL A 6 -43.77 6.47 25.52
CA VAL A 6 -42.83 5.88 26.47
C VAL A 6 -43.12 4.39 26.56
N SER A 7 -44.41 4.05 26.60
CA SER A 7 -44.81 2.67 26.75
C SER A 7 -44.34 1.82 25.58
N LEU A 8 -44.49 2.33 24.36
CA LEU A 8 -44.00 1.62 23.19
C LEU A 8 -42.47 1.55 23.19
N ALA A 9 -41.82 2.66 23.53
CA ALA A 9 -40.33 2.73 23.58
C ALA A 9 -39.74 1.64 24.51
N GLN A 10 -40.36 1.45 25.68
CA GLN A 10 -39.97 0.39 26.63
C GLN A 10 -40.18 -1.03 26.09
N ASP A 11 -41.32 -1.30 25.44
CA ASP A 11 -41.50 -2.58 24.77
C ASP A 11 -40.35 -2.85 23.80
N LEU A 12 -40.00 -1.85 23.00
CA LEU A 12 -38.94 -2.01 22.00
C LEU A 12 -37.56 -2.17 22.65
N ILE A 13 -37.25 -1.31 23.62
CA ILE A 13 -35.94 -1.38 24.29
C ILE A 13 -35.73 -2.74 24.96
N ARG A 14 -36.80 -3.32 25.49
CA ARG A 14 -36.72 -4.63 26.12
C ARG A 14 -36.47 -5.76 25.18
N ARG A 15 -36.47 -5.47 23.86
CA ARG A 15 -36.07 -6.46 22.87
C ARG A 15 -34.66 -6.21 22.36
N PRO A 16 -33.68 -7.04 22.77
CA PRO A 16 -32.28 -6.76 22.47
C PRO A 16 -31.92 -6.98 21.01
N SER A 17 -31.95 -5.91 20.22
CA SER A 17 -31.98 -6.02 18.76
C SER A 17 -30.66 -5.66 18.12
N ILE A 18 -29.63 -6.38 18.50
CA ILE A 18 -28.29 -6.10 18.04
C ILE A 18 -28.30 -6.45 16.57
N SER A 19 -27.76 -5.57 15.74
CA SER A 19 -27.87 -5.65 14.30
C SER A 19 -27.31 -6.97 13.78
N PRO A 20 -28.01 -7.61 12.84
CA PRO A 20 -29.21 -7.20 12.15
C PRO A 20 -30.47 -7.79 12.78
N ASN A 21 -30.35 -8.40 13.97
CA ASN A 21 -31.42 -9.16 14.62
CA ASN A 21 -31.43 -9.15 14.63
C ASN A 21 -32.51 -8.24 15.22
N ASP A 22 -33.73 -8.34 14.70
CA ASP A 22 -34.86 -7.48 15.09
C ASP A 22 -35.47 -7.84 16.44
N GLU A 23 -35.31 -9.10 16.87
CA GLU A 23 -35.92 -9.57 18.11
C GLU A 23 -37.40 -9.26 18.28
N GLY A 24 -38.16 -9.34 17.20
CA GLY A 24 -39.60 -9.17 17.27
C GLY A 24 -40.08 -7.74 17.32
N CYS A 25 -39.19 -6.76 17.26
CA CYS A 25 -39.59 -5.34 17.39
C CYS A 25 -40.55 -4.90 16.30
N GLN A 26 -40.23 -5.30 15.06
CA GLN A 26 -41.02 -4.90 13.92
C GLN A 26 -42.36 -5.61 13.93
N GLN A 27 -42.39 -6.82 14.47
CA GLN A 27 -43.64 -7.58 14.49
C GLN A 27 -44.62 -7.01 15.48
N ILE A 28 -44.17 -6.52 16.64
CA ILE A 28 -45.12 -5.88 17.54
C ILE A 28 -45.62 -4.56 16.95
N ILE A 29 -44.75 -3.86 16.22
CA ILE A 29 -45.16 -2.63 15.55
C ILE A 29 -46.22 -2.99 14.48
N ALA A 30 -45.95 -4.02 13.69
CA ALA A 30 -46.88 -4.46 12.63
C ALA A 30 -48.22 -4.83 13.21
N GLU A 31 -48.23 -5.77 14.16
CA GLU A 31 -49.49 -6.19 14.85
C GLU A 31 -50.35 -5.00 15.21
N ARG A 32 -49.70 -4.08 15.89
CA ARG A 32 -50.31 -2.88 16.35
C ARG A 32 -50.90 -1.99 15.23
N LEU A 33 -50.10 -1.71 14.19
CA LEU A 33 -50.54 -0.87 13.08
C LEU A 33 -51.65 -1.55 12.23
N GLU A 34 -51.54 -2.85 12.07
CA GLU A 34 -52.54 -3.68 11.38
C GLU A 34 -53.94 -3.46 11.95
N LYS A 35 -54.06 -3.50 13.27
CA LYS A 35 -55.35 -3.28 13.93
C LYS A 35 -55.93 -1.90 13.68
N LEU A 36 -55.09 -0.96 13.25
CA LEU A 36 -55.52 0.41 13.02
C LEU A 36 -55.70 0.74 11.56
N GLY A 37 -55.76 -0.26 10.70
CA GLY A 37 -56.01 0.00 9.30
C GLY A 37 -54.79 0.15 8.41
N PHE A 38 -53.58 0.01 8.93
CA PHE A 38 -52.40 0.07 8.07
C PHE A 38 -52.25 -1.18 7.23
N GLN A 39 -51.82 -1.02 5.98
CA GLN A 39 -51.40 -2.12 5.11
C GLN A 39 -49.97 -2.48 5.53
N ILE A 40 -49.71 -3.77 5.69
CA ILE A 40 -48.43 -4.25 6.20
C ILE A 40 -47.68 -5.00 5.11
N GLU A 41 -46.49 -4.53 4.77
CA GLU A 41 -45.69 -5.17 3.76
C GLU A 41 -44.27 -5.43 4.28
N TRP A 42 -43.92 -6.70 4.34
CA TRP A 42 -42.69 -7.18 4.91
C TRP A 42 -41.68 -7.31 3.83
N MET A 43 -40.46 -6.80 4.05
CA MET A 43 -39.38 -6.92 3.02
C MET A 43 -38.07 -7.39 3.63
N PRO A 44 -38.09 -8.61 4.16
CA PRO A 44 -36.86 -9.22 4.67
C PRO A 44 -35.89 -9.51 3.56
N PHE A 45 -34.61 -9.43 3.89
CA PHE A 45 -33.57 -9.79 2.94
C PHE A 45 -32.34 -10.29 3.67
N ASN A 46 -32.02 -11.56 3.40
CA ASN A 46 -30.90 -12.27 4.02
C ASN A 46 -31.15 -12.35 5.51
N ASP A 47 -30.36 -11.71 6.34
CA ASP A 47 -30.66 -11.82 7.77
C ASP A 47 -31.37 -10.58 8.33
N THR A 48 -31.78 -9.64 7.47
CA THR A 48 -32.36 -8.36 7.95
C THR A 48 -33.88 -8.36 7.79
N LEU A 49 -34.58 -7.74 8.73
CA LEU A 49 -36.00 -7.53 8.58
C LEU A 49 -36.26 -6.05 8.24
N ASN A 50 -37.16 -5.83 7.30
CA ASN A 50 -37.62 -4.49 6.97
C ASN A 50 -39.13 -4.49 6.90
N LEU A 51 -39.75 -3.35 7.20
CA LEU A 51 -41.18 -3.22 7.25
C LEU A 51 -41.62 -1.95 6.55
N TRP A 52 -42.62 -2.04 5.70
CA TRP A 52 -43.22 -0.89 5.04
C TRP A 52 -44.71 -0.94 5.33
N ALA A 53 -45.15 -0.06 6.20
CA ALA A 53 -46.51 0.00 6.69
C ALA A 53 -47.15 1.31 6.20
N LYS A 54 -48.30 1.22 5.52
CA LYS A 54 -49.00 2.36 4.86
C LYS A 54 -50.46 2.55 5.35
N HIS A 55 -50.88 3.78 5.59
CA HIS A 55 -52.30 4.10 5.70
C HIS A 55 -52.62 5.16 4.65
N GLY A 56 -53.60 4.88 3.79
CA GLY A 56 -53.87 5.70 2.59
C GLY A 56 -53.22 5.12 1.34
N THR A 57 -53.65 5.57 0.17
CA THR A 57 -53.20 4.96 -1.11
C THR A 57 -52.72 5.98 -2.13
N SER A 58 -52.64 7.26 -1.76
CA SER A 58 -52.30 8.29 -2.75
C SER A 58 -51.21 9.26 -2.30
N GLU A 59 -50.77 10.08 -3.26
CA GLU A 59 -49.83 11.15 -2.98
C GLU A 59 -50.57 12.32 -2.37
N PRO A 60 -49.89 13.13 -1.53
CA PRO A 60 -48.49 13.01 -1.12
C PRO A 60 -48.25 11.83 -0.17
N VAL A 61 -47.13 11.13 -0.34
CA VAL A 61 -46.74 10.03 0.55
C VAL A 61 -45.69 10.58 1.52
N ILE A 62 -46.04 10.56 2.81
CA ILE A 62 -45.19 11.00 3.93
C ILE A 62 -44.72 9.77 4.68
N ALA A 63 -43.43 9.40 4.55
CA ALA A 63 -42.90 8.29 5.34
C ALA A 63 -42.13 8.78 6.57
N PHE A 64 -42.38 8.18 7.73
CA PHE A 64 -41.49 8.19 8.89
C PHE A 64 -40.53 7.02 8.75
N ALA A 65 -39.21 7.26 8.82
CA ALA A 65 -38.20 6.21 8.63
C ALA A 65 -37.34 6.05 9.89
N GLY A 66 -36.91 4.83 10.13
CA GLY A 66 -36.13 4.55 11.31
C GLY A 66 -35.66 3.12 11.41
N HIS A 67 -35.02 2.81 12.51
CA HIS A 67 -34.43 1.50 12.65
C HIS A 67 -34.62 0.94 14.03
N THR A 68 -34.76 -0.38 14.10
CA THR A 68 -34.97 -1.03 15.37
C THR A 68 -33.72 -1.70 15.91
N ASP A 69 -32.63 -1.73 15.14
CA ASP A 69 -31.41 -2.34 15.64
C ASP A 69 -30.64 -1.36 16.50
N VAL A 70 -29.87 -1.90 17.44
CA VAL A 70 -29.07 -1.09 18.34
C VAL A 70 -27.62 -1.59 18.30
N VAL A 71 -26.64 -0.75 18.67
CA VAL A 71 -25.25 -1.24 18.81
C VAL A 71 -25.08 -2.07 20.10
N PRO A 72 -23.99 -2.88 20.17
CA PRO A 72 -23.75 -3.68 21.38
C PRO A 72 -23.62 -2.83 22.65
N THR A 73 -23.78 -3.46 23.82
CA THR A 73 -23.91 -2.73 25.10
C THR A 73 -22.58 -2.44 25.81
N GLY A 74 -21.56 -3.24 25.51
CA GLY A 74 -20.37 -3.37 26.38
C GLY A 74 -20.73 -4.26 27.56
N ASP A 75 -19.86 -4.33 28.57
CA ASP A 75 -20.16 -5.05 29.81
C ASP A 75 -21.39 -4.43 30.45
N GLU A 76 -22.41 -5.25 30.73
CA GLU A 76 -23.63 -4.70 31.33
C GLU A 76 -23.40 -4.26 32.79
N ASN A 77 -22.39 -4.76 33.47
CA ASN A 77 -22.15 -4.29 34.84
C ASN A 77 -21.59 -2.87 34.95
N GLN A 78 -21.31 -2.20 33.82
CA GLN A 78 -20.94 -0.78 33.81
C GLN A 78 -22.19 0.10 33.80
N TRP A 79 -23.36 -0.51 33.59
CA TRP A 79 -24.60 0.23 33.48
C TRP A 79 -25.30 0.42 34.83
N SER A 80 -25.86 1.61 35.05
CA SER A 80 -26.58 1.91 36.26
C SER A 80 -27.98 1.30 36.29
N SER A 81 -28.57 1.13 35.13
CA SER A 81 -29.81 0.38 34.93
C SER A 81 -29.46 -0.67 33.90
N PRO A 82 -30.01 -1.88 34.03
CA PRO A 82 -29.64 -2.86 33.03
C PRO A 82 -30.14 -2.44 31.63
N PRO A 83 -29.29 -2.59 30.61
CA PRO A 83 -29.47 -1.96 29.31
C PRO A 83 -30.71 -2.37 28.57
N PHE A 84 -31.25 -3.56 28.88
CA PHE A 84 -32.47 -3.96 28.22
C PHE A 84 -33.67 -4.06 29.11
N SER A 85 -33.58 -3.44 30.29
CA SER A 85 -34.71 -3.40 31.22
C SER A 85 -35.68 -2.24 30.94
N ALA A 86 -35.19 -1.16 30.33
CA ALA A 86 -36.00 0.03 30.01
C ALA A 86 -36.61 0.71 31.24
N GLU A 87 -35.81 0.86 32.29
CA GLU A 87 -36.21 1.58 33.50
C GLU A 87 -36.33 3.07 33.29
N ILE A 88 -37.33 3.68 33.94
CA ILE A 88 -37.41 5.12 34.03
C ILE A 88 -37.01 5.55 35.47
N ILE A 89 -35.91 6.28 35.60
CA ILE A 89 -35.49 6.89 36.86
C ILE A 89 -35.51 8.40 36.69
N ASP A 90 -36.37 9.04 37.48
CA ASP A 90 -36.44 10.49 37.63
C ASP A 90 -36.59 11.17 36.26
N GLY A 91 -37.62 10.73 35.54
CA GLY A 91 -37.97 11.27 34.22
C GLY A 91 -37.08 10.97 33.03
N MET A 92 -36.06 10.12 33.22
CA MET A 92 -35.16 9.68 32.17
C MET A 92 -35.39 8.19 31.92
N LEU A 93 -35.54 7.82 30.65
CA LEU A 93 -35.66 6.41 30.22
C LEU A 93 -34.26 5.93 29.80
N TYR A 94 -33.76 4.90 30.50
CA TYR A 94 -32.45 4.29 30.27
C TYR A 94 -32.60 3.03 29.48
N GLY A 95 -31.67 2.82 28.57
CA GLY A 95 -31.61 1.57 27.82
C GLY A 95 -30.79 1.76 26.57
N ARG A 96 -30.18 0.67 26.12
CA ARG A 96 -29.62 0.65 24.80
C ARG A 96 -30.77 0.80 23.74
N GLY A 97 -30.65 1.82 22.91
CA GLY A 97 -31.67 2.13 21.96
C GLY A 97 -32.61 3.24 22.39
N ALA A 98 -32.47 3.72 23.63
CA ALA A 98 -33.37 4.71 24.16
C ALA A 98 -33.29 5.99 23.34
N ALA A 99 -32.08 6.40 22.98
CA ALA A 99 -31.89 7.63 22.19
C ALA A 99 -31.71 7.28 20.71
N ASP A 100 -31.04 6.17 20.43
CA ASP A 100 -30.75 5.76 19.06
C ASP A 100 -31.28 4.35 18.76
N MET A 101 -32.53 4.22 18.34
CA MET A 101 -33.48 5.33 18.22
C MET A 101 -34.88 4.90 18.58
N LYS A 102 -34.99 3.99 19.55
CA LYS A 102 -36.29 3.39 19.88
C LYS A 102 -37.34 4.36 20.44
N GLY A 103 -36.88 5.35 21.22
CA GLY A 103 -37.72 6.41 21.76
C GLY A 103 -38.38 7.21 20.66
N SER A 104 -37.58 7.76 19.76
CA SER A 104 -38.15 8.51 18.63
C SER A 104 -38.91 7.68 17.58
N LEU A 105 -38.51 6.42 17.38
CA LEU A 105 -39.29 5.50 16.58
C LEU A 105 -40.67 5.40 17.20
N ALA A 106 -40.74 5.21 18.52
CA ALA A 106 -42.03 5.15 19.19
C ALA A 106 -42.82 6.49 19.02
N ALA A 107 -42.11 7.62 19.16
CA ALA A 107 -42.74 8.93 19.01
C ALA A 107 -43.35 9.06 17.64
N MET A 108 -42.62 8.61 16.62
CA MET A 108 -43.11 8.74 15.24
C MET A 108 -44.30 7.84 14.97
N ILE A 109 -44.27 6.65 15.54
CA ILE A 109 -45.31 5.68 15.33
C ILE A 109 -46.57 6.16 15.99
N VAL A 110 -46.44 6.59 17.25
CA VAL A 110 -47.60 7.10 17.95
C VAL A 110 -48.16 8.40 17.32
N ALA A 111 -47.29 9.22 16.73
CA ALA A 111 -47.74 10.39 16.02
C ALA A 111 -48.60 9.95 14.84
N ALA A 112 -48.09 9.02 14.04
CA ALA A 112 -48.82 8.51 12.89
C ALA A 112 -50.19 7.93 13.27
N GLU A 113 -50.26 7.18 14.37
CA GLU A 113 -51.48 6.51 14.82
C GLU A 113 -52.52 7.51 15.21
N GLU A 114 -52.13 8.52 15.97
CA GLU A 114 -53.12 9.48 16.48
C GLU A 114 -53.62 10.37 15.37
N TYR A 115 -52.76 10.62 14.38
CA TYR A 115 -53.21 11.36 13.23
C TYR A 115 -54.25 10.58 12.40
N VAL A 116 -53.99 9.33 12.07
CA VAL A 116 -54.91 8.63 11.16
C VAL A 116 -56.21 8.30 11.87
N LYS A 117 -56.13 8.12 13.19
CA LYS A 117 -57.27 7.89 14.05
C LYS A 117 -58.21 9.09 14.04
N ALA A 118 -57.64 10.27 14.26
CA ALA A 118 -58.42 11.50 14.18
C ALA A 118 -58.82 11.83 12.72
N ASN A 119 -58.12 11.29 11.73
CA ASN A 119 -58.33 11.71 10.31
C ASN A 119 -58.39 10.59 9.33
N PRO A 120 -59.37 9.69 9.51
CA PRO A 120 -59.34 8.45 8.73
C PRO A 120 -59.35 8.66 7.22
N ASN A 121 -59.92 9.78 6.74
CA ASN A 121 -59.90 10.09 5.31
C ASN A 121 -58.94 11.18 4.95
N HIS A 122 -57.83 11.27 5.69
CA HIS A 122 -56.77 12.16 5.26
C HIS A 122 -56.46 11.88 3.80
N LYS A 123 -56.04 12.93 3.09
CA LYS A 123 -55.49 12.78 1.74
C LYS A 123 -54.07 12.24 1.90
N GLY A 124 -53.54 11.65 0.85
CA GLY A 124 -52.18 11.15 0.90
C GLY A 124 -52.00 9.87 1.71
N THR A 125 -50.74 9.54 1.94
CA THR A 125 -50.39 8.28 2.54
C THR A 125 -49.41 8.52 3.67
N ILE A 126 -49.74 8.02 4.85
CA ILE A 126 -48.84 8.03 5.98
C ILE A 126 -48.27 6.63 6.14
N ALA A 127 -46.94 6.57 6.18
CA ALA A 127 -46.21 5.31 6.09
C ALA A 127 -45.02 5.32 7.07
N LEU A 128 -44.56 4.11 7.36
CA LEU A 128 -43.48 3.86 8.26
C LEU A 128 -42.54 2.94 7.51
N LEU A 129 -41.27 3.34 7.46
CA LEU A 129 -40.19 2.56 6.86
C LEU A 129 -39.18 2.23 7.95
N ILE A 130 -39.11 0.95 8.28
CA ILE A 130 -38.35 0.49 9.42
C ILE A 130 -37.44 -0.65 8.98
N THR A 131 -36.14 -0.49 9.19
CA THR A 131 -35.16 -1.56 8.95
C THR A 131 -34.59 -2.08 10.26
N SER A 132 -34.07 -3.31 10.24
CA SER A 132 -33.40 -3.87 11.40
C SER A 132 -31.88 -3.83 11.23
N ASP A 133 -31.40 -3.13 10.21
CA ASP A 133 -29.98 -2.98 10.05
C ASP A 133 -29.64 -1.66 9.38
N GLU A 134 -29.47 -0.66 10.23
CA GLU A 134 -28.88 0.62 9.85
C GLU A 134 -27.48 0.74 10.46
N GLU A 135 -27.28 0.18 11.65
CA GLU A 135 -26.07 0.39 12.42
C GLU A 135 -24.88 -0.45 11.93
N ALA A 136 -25.12 -1.61 11.31
CA ALA A 136 -23.99 -2.47 10.91
C ALA A 136 -23.73 -2.37 9.39
N THR A 137 -23.69 -3.51 8.72
CA THR A 137 -23.43 -3.62 7.27
C THR A 137 -24.36 -2.73 6.42
N ALA A 138 -25.67 -2.80 6.72
CA ALA A 138 -26.68 -1.94 6.07
C ALA A 138 -26.77 -2.12 4.54
N LYS A 139 -26.54 -3.35 4.07
CA LYS A 139 -26.74 -3.68 2.68
C LYS A 139 -28.19 -4.12 2.44
N ASP A 140 -28.78 -4.80 3.42
CA ASP A 140 -30.05 -5.46 3.21
C ASP A 140 -31.20 -4.80 3.96
N GLY A 141 -31.05 -3.50 4.25
CA GLY A 141 -32.01 -2.75 5.01
C GLY A 141 -32.80 -1.76 4.16
N THR A 142 -32.64 -0.49 4.49
CA THR A 142 -33.41 0.56 3.86
C THR A 142 -33.23 0.59 2.32
N ILE A 143 -32.02 0.33 1.86
CA ILE A 143 -31.73 0.35 0.42
C ILE A 143 -32.51 -0.76 -0.30
N HIS A 144 -32.60 -1.93 0.31
CA HIS A 144 -33.40 -2.99 -0.24
C HIS A 144 -34.86 -2.58 -0.32
N VAL A 145 -35.38 -1.95 0.73
CA VAL A 145 -36.76 -1.49 0.74
C VAL A 145 -36.98 -0.40 -0.31
N VAL A 146 -35.98 0.46 -0.47
CA VAL A 146 -36.05 1.54 -1.44
C VAL A 146 -36.00 0.99 -2.86
N GLU A 147 -35.09 0.06 -3.11
CA GLU A 147 -34.95 -0.57 -4.42
C GLU A 147 -36.24 -1.29 -4.82
N THR A 148 -36.90 -1.89 -3.83
CA THR A 148 -38.15 -2.61 -4.07
C THR A 148 -39.26 -1.63 -4.42
N LEU A 149 -39.37 -0.54 -3.68
CA LEU A 149 -40.40 0.45 -3.97
C LEU A 149 -40.19 1.02 -5.36
N MET A 150 -38.93 1.32 -5.67
CA MET A 150 -38.59 1.86 -6.96
C MET A 150 -38.83 0.93 -8.13
N ALA A 151 -38.59 -0.37 -7.96
CA ALA A 151 -38.71 -1.32 -9.07
C ALA A 151 -40.15 -1.35 -9.56
N ARG A 152 -41.08 -0.99 -8.69
CA ARG A 152 -42.49 -0.93 -9.07
C ARG A 152 -43.03 0.50 -9.06
N ASP A 153 -42.15 1.47 -9.20
CA ASP A 153 -42.52 2.89 -9.33
C ASP A 153 -43.46 3.37 -8.25
N GLU A 154 -43.26 2.92 -7.01
CA GLU A 154 -44.04 3.44 -5.88
C GLU A 154 -43.30 4.65 -5.32
N LYS A 155 -44.04 5.66 -4.89
CA LYS A 155 -43.45 6.96 -4.55
C LYS A 155 -43.38 7.18 -3.06
N ILE A 156 -42.35 7.91 -2.63
CA ILE A 156 -42.36 8.64 -1.37
C ILE A 156 -42.15 10.09 -1.72
N THR A 157 -43.10 10.94 -1.37
CA THR A 157 -42.97 12.38 -1.60
C THR A 157 -42.03 13.00 -0.56
N TYR A 158 -42.34 12.77 0.72
CA TYR A 158 -41.65 13.38 1.83
C TYR A 158 -41.24 12.31 2.80
N CYS A 159 -40.11 12.55 3.49
CA CYS A 159 -39.62 11.61 4.47
C CYS A 159 -38.95 12.27 5.67
N MET A 160 -39.34 11.81 6.85
CA MET A 160 -38.78 12.26 8.11
C MET A 160 -38.09 11.05 8.72
N VAL A 161 -36.78 11.13 8.82
CA VAL A 161 -35.97 10.12 9.49
C VAL A 161 -35.78 10.62 10.92
N GLY A 162 -36.22 9.83 11.89
CA GLY A 162 -36.24 10.23 13.29
C GLY A 162 -34.96 9.92 14.04
N GLU A 163 -33.81 10.10 13.42
CA GLU A 163 -32.57 9.94 14.11
C GLU A 163 -32.42 11.09 15.13
N PRO A 164 -31.82 10.82 16.29
CA PRO A 164 -31.63 11.89 17.27
C PRO A 164 -30.74 12.99 16.71
N SER A 165 -31.34 14.10 16.30
CA SER A 165 -30.63 15.18 15.59
C SER A 165 -30.27 16.36 16.48
N SER A 166 -30.80 16.42 17.69
CA SER A 166 -30.59 17.59 18.54
C SER A 166 -29.19 17.54 19.20
N ALA A 167 -28.53 18.69 19.21
CA ALA A 167 -27.16 18.82 19.69
C ALA A 167 -27.12 19.24 21.15
N LYS A 168 -27.68 20.39 21.48
CA LYS A 168 -27.61 20.90 22.84
C LYS A 168 -28.97 20.96 23.54
N ASN A 169 -29.99 21.49 22.85
CA ASN A 169 -31.38 21.48 23.34
C ASN A 169 -32.30 20.78 22.38
N LEU A 170 -33.34 20.14 22.90
CA LEU A 170 -34.30 19.52 21.98
C LEU A 170 -34.74 20.56 20.99
N GLY A 171 -34.73 20.19 19.72
CA GLY A 171 -35.24 21.06 18.69
C GLY A 171 -34.24 22.00 18.05
N ASP A 172 -32.98 21.99 18.48
CA ASP A 172 -32.04 22.99 17.99
C ASP A 172 -31.51 22.74 16.57
N VAL A 173 -31.56 21.49 16.09
CA VAL A 173 -31.06 21.17 14.75
C VAL A 173 -32.05 20.31 13.94
N VAL A 174 -32.20 20.59 12.65
CA VAL A 174 -32.86 19.66 11.73
C VAL A 174 -31.93 19.44 10.55
N LYS A 175 -31.69 18.19 10.18
CA LYS A 175 -30.78 17.90 9.08
C LYS A 175 -31.61 17.90 7.83
N ASN A 176 -31.14 18.62 6.81
CA ASN A 176 -31.86 18.73 5.55
C ASN A 176 -31.00 18.35 4.35
N GLY A 177 -29.95 17.62 4.60
CA GLY A 177 -29.18 17.09 3.50
C GLY A 177 -27.87 16.56 3.91
N ARG A 178 -27.13 16.06 2.94
CA ARG A 178 -25.83 15.48 3.20
C ARG A 178 -25.06 15.36 1.90
N ARG A 179 -23.74 15.56 1.97
CA ARG A 179 -22.87 15.42 0.80
C ARG A 179 -22.76 13.97 0.36
N GLY A 180 -22.54 13.78 -0.93
CA GLY A 180 -22.34 12.47 -1.50
C GLY A 180 -20.94 12.00 -1.16
N SER A 181 -20.71 10.70 -1.32
CA SER A 181 -19.38 10.12 -1.11
C SER A 181 -19.06 9.07 -2.17
N ILE A 182 -17.94 9.29 -2.87
CA ILE A 182 -17.45 8.35 -3.86
C ILE A 182 -15.92 8.18 -3.77
N THR A 183 -15.50 6.96 -3.97
CA THR A 183 -14.15 6.58 -3.78
C THR A 183 -13.58 5.92 -5.01
N GLY A 184 -12.45 6.39 -5.43
CA GLY A 184 -11.75 5.77 -6.52
C GLY A 184 -10.59 4.90 -6.10
N ASN A 185 -10.56 3.69 -6.61
CA ASN A 185 -9.47 2.79 -6.36
C ASN A 185 -8.66 2.62 -7.63
N LEU A 186 -7.54 3.31 -7.68
CA LEU A 186 -6.77 3.42 -8.89
C LEU A 186 -5.46 2.68 -8.91
N TYR A 187 -5.24 1.91 -9.93
CA TYR A 187 -4.07 1.06 -10.08
C TYR A 187 -3.30 1.39 -11.37
N ILE A 188 -2.09 1.94 -11.19
CA ILE A 188 -1.26 2.33 -12.31
C ILE A 188 -0.33 1.18 -12.56
N GLN A 189 -0.36 0.64 -13.77
CA GLN A 189 0.46 -0.52 -14.11
C GLN A 189 1.81 -0.15 -14.70
N GLY A 190 2.69 -1.14 -14.65
CA GLY A 190 3.98 -1.12 -15.35
C GLY A 190 4.98 -0.13 -14.82
N ILE A 191 5.04 0.04 -13.49
CA ILE A 191 5.90 1.07 -12.92
C ILE A 191 7.33 0.55 -12.69
N GLN A 192 8.03 0.24 -13.79
CA GLN A 192 9.49 0.08 -13.76
C GLN A 192 10.04 0.58 -15.08
N TYR A 197 16.23 7.24 -18.97
CA TYR A 197 16.98 7.83 -20.08
C TYR A 197 17.34 6.75 -21.10
N PRO A 198 16.80 6.80 -22.35
CA PRO A 198 15.93 7.80 -22.97
C PRO A 198 14.46 7.69 -22.54
N HIS A 199 13.71 8.75 -22.79
CA HIS A 199 12.26 8.81 -22.56
C HIS A 199 11.88 8.69 -21.08
N LEU A 200 12.46 9.58 -20.29
CA LEU A 200 12.13 9.69 -18.87
C LEU A 200 10.72 10.21 -18.62
N ALA A 201 10.18 10.97 -19.57
CA ALA A 201 8.85 11.57 -19.40
C ALA A 201 7.76 10.48 -19.44
N GLU A 202 8.03 9.38 -20.10
CA GLU A 202 7.06 8.30 -20.21
C GLU A 202 6.98 7.34 -19.00
N ASN A 203 7.81 7.52 -17.97
CA ASN A 203 7.69 6.67 -16.76
C ASN A 203 6.28 6.75 -16.15
N PRO A 204 5.62 5.61 -15.91
CA PRO A 204 4.27 5.75 -15.37
C PRO A 204 4.13 6.42 -14.00
N ILE A 205 5.15 6.36 -13.14
CA ILE A 205 5.06 7.04 -11.85
C ILE A 205 5.11 8.54 -12.09
N HIS A 206 5.86 8.97 -13.10
CA HIS A 206 5.91 10.36 -13.47
C HIS A 206 4.61 10.86 -14.03
N LYS A 207 3.99 10.06 -14.89
CA LYS A 207 2.68 10.39 -15.40
C LYS A 207 1.63 10.39 -14.27
N ALA A 208 1.77 9.44 -13.35
CA ALA A 208 0.92 9.41 -12.17
C ALA A 208 1.09 10.68 -11.34
N ALA A 209 2.31 11.17 -11.21
CA ALA A 209 2.52 12.38 -10.39
C ALA A 209 1.86 13.59 -11.04
N LEU A 210 1.97 13.69 -12.37
CA LEU A 210 1.32 14.76 -13.14
C LEU A 210 -0.20 14.74 -12.97
N PHE A 211 -0.77 13.55 -13.08
CA PHE A 211 -2.18 13.36 -12.85
C PHE A 211 -2.57 13.80 -11.45
N LEU A 212 -1.72 13.48 -10.47
CA LEU A 212 -2.04 13.78 -9.08
C LEU A 212 -2.04 15.26 -8.83
N GLN A 213 -1.13 15.99 -9.46
CA GLN A 213 -1.12 17.42 -9.22
C GLN A 213 -2.41 17.99 -9.79
N GLU A 214 -2.86 17.43 -10.91
CA GLU A 214 -4.05 17.96 -11.53
C GLU A 214 -5.30 17.62 -10.68
N LEU A 215 -5.35 16.37 -10.22
CA LEU A 215 -6.47 15.91 -9.45
C LEU A 215 -6.59 16.68 -8.14
N THR A 216 -5.47 16.97 -7.47
CA THR A 216 -5.49 17.72 -6.21
C THR A 216 -5.73 19.25 -6.35
N THR A 217 -5.62 19.79 -7.56
CA THR A 217 -5.88 21.22 -7.79
C THR A 217 -7.19 21.49 -8.49
N TYR A 218 -7.78 20.47 -9.13
CA TYR A 218 -9.03 20.65 -9.86
C TYR A 218 -10.16 21.14 -8.94
N GLN A 219 -10.86 22.21 -9.37
CA GLN A 219 -12.00 22.77 -8.63
C GLN A 219 -13.27 22.23 -9.26
N TRP A 220 -14.01 21.44 -8.50
CA TRP A 220 -15.14 20.66 -9.05
C TRP A 220 -16.35 21.56 -9.20
N ASP A 221 -16.52 22.43 -8.21
CA ASP A 221 -17.63 23.36 -8.14
C ASP A 221 -17.30 24.37 -7.08
N LYS A 222 -18.14 25.38 -6.92
CA LYS A 222 -17.90 26.38 -5.90
C LYS A 222 -18.83 26.20 -4.66
N GLY A 223 -19.32 24.97 -4.45
CA GLY A 223 -20.33 24.72 -3.42
C GLY A 223 -21.58 25.56 -3.64
N ASN A 224 -22.26 25.90 -2.56
CA ASN A 224 -23.47 26.74 -2.66
C ASN A 224 -23.96 27.12 -1.29
N GLU A 225 -25.08 27.85 -1.24
CA GLU A 225 -25.79 28.18 -0.01
C GLU A 225 -25.73 27.09 1.07
N PHE A 226 -25.98 25.84 0.69
CA PHE A 226 -26.19 24.79 1.68
C PHE A 226 -24.98 23.89 1.91
N PHE A 227 -24.00 23.94 1.00
CA PHE A 227 -22.83 23.05 1.09
C PHE A 227 -21.51 23.76 0.81
N PRO A 228 -20.46 23.38 1.54
CA PRO A 228 -19.14 23.83 1.07
C PRO A 228 -18.79 23.23 -0.29
N PRO A 229 -17.74 23.74 -0.93
CA PRO A 229 -17.41 23.13 -2.21
C PRO A 229 -16.98 21.67 -2.09
N THR A 230 -17.18 20.93 -3.18
CA THR A 230 -16.80 19.54 -3.26
C THR A 230 -15.32 19.44 -2.97
N SER A 231 -14.99 18.50 -2.09
CA SER A 231 -13.65 18.26 -1.63
C SER A 231 -13.16 16.88 -2.09
N LEU A 232 -11.90 16.84 -2.52
CA LEU A 232 -11.20 15.62 -2.86
C LEU A 232 -10.08 15.43 -1.86
N GLN A 233 -9.97 14.20 -1.34
CA GLN A 233 -8.89 13.80 -0.42
C GLN A 233 -8.11 12.62 -1.03
N ILE A 234 -6.78 12.65 -0.98
CA ILE A 234 -5.99 11.43 -1.29
C ILE A 234 -5.91 10.64 -0.03
N ALA A 235 -6.55 9.48 -0.03
CA ALA A 235 -6.66 8.65 1.15
C ALA A 235 -5.41 7.83 1.34
N ASN A 236 -4.97 7.17 0.27
CA ASN A 236 -3.83 6.31 0.33
C ASN A 236 -3.02 6.27 -0.93
N ILE A 237 -1.72 6.14 -0.75
CA ILE A 237 -0.83 5.89 -1.88
C ILE A 237 0.03 4.73 -1.45
N HIS A 238 0.05 3.70 -2.28
CA HIS A 238 0.75 2.46 -1.92
C HIS A 238 1.42 1.80 -3.10
N ALA A 239 2.72 1.71 -3.04
CA ALA A 239 3.48 0.82 -3.92
C ALA A 239 4.61 0.25 -3.08
N GLY A 240 4.79 -1.06 -3.13
CA GLY A 240 5.93 -1.67 -2.48
C GLY A 240 5.57 -2.27 -1.13
N THR A 241 6.31 -3.31 -0.80
CA THR A 241 6.04 -4.19 0.33
C THR A 241 6.89 -3.86 1.56
N GLY A 242 7.92 -3.03 1.39
CA GLY A 242 8.80 -2.60 2.49
C GLY A 242 10.20 -3.18 2.44
N SER A 243 10.74 -3.42 1.23
CA SER A 243 12.09 -4.04 1.10
C SER A 243 12.75 -3.74 -0.25
N VAL A 246 12.31 -6.37 -3.61
CA VAL A 246 11.23 -6.60 -4.57
C VAL A 246 10.64 -5.28 -5.10
N ILE A 247 10.93 -4.93 -6.35
CA ILE A 247 10.44 -3.68 -6.97
C ILE A 247 8.98 -3.81 -7.39
N PRO A 248 8.13 -2.86 -6.98
CA PRO A 248 6.69 -3.02 -7.20
C PRO A 248 6.29 -2.85 -8.64
N ALA A 249 5.33 -3.66 -9.06
CA ALA A 249 4.82 -3.61 -10.41
C ALA A 249 3.72 -2.54 -10.53
N GLU A 250 2.96 -2.30 -9.44
CA GLU A 250 1.86 -1.35 -9.52
C GLU A 250 1.87 -0.24 -8.48
N LEU A 251 1.35 0.92 -8.85
CA LEU A 251 1.11 1.98 -7.90
C LEU A 251 -0.41 2.07 -7.67
N TYR A 252 -0.81 2.03 -6.40
CA TYR A 252 -2.20 2.12 -5.96
C TYR A 252 -2.46 3.48 -5.36
N ILE A 253 -3.47 4.16 -5.85
CA ILE A 253 -3.87 5.45 -5.31
C ILE A 253 -5.33 5.34 -4.91
N GLN A 254 -5.64 5.66 -3.68
CA GLN A 254 -7.04 5.79 -3.29
C GLN A 254 -7.42 7.23 -2.95
N PHE A 255 -8.52 7.68 -3.53
CA PHE A 255 -9.01 9.02 -3.28
C PHE A 255 -10.49 9.00 -3.08
N ASN A 256 -10.98 9.94 -2.29
CA ASN A 256 -12.40 10.06 -1.94
C ASN A 256 -12.85 11.48 -2.23
N LEU A 257 -14.00 11.63 -2.84
CA LEU A 257 -14.65 12.94 -2.95
C LEU A 257 -15.92 13.02 -2.07
N ARG A 258 -16.01 14.05 -1.25
CA ARG A 258 -17.26 14.36 -0.57
C ARG A 258 -17.88 15.46 -1.39
N TYR A 259 -18.95 15.12 -2.13
CA TYR A 259 -19.46 16.07 -3.11
C TYR A 259 -20.85 16.56 -2.84
N CYS A 260 -21.13 17.75 -3.37
CA CYS A 260 -22.41 18.35 -3.22
C CYS A 260 -23.23 18.30 -4.51
N THR A 261 -24.42 18.88 -4.43
CA THR A 261 -25.42 18.84 -5.50
C THR A 261 -25.02 19.55 -6.78
N GLU A 262 -23.99 20.40 -6.73
CA GLU A 262 -23.46 21.04 -7.95
C GLU A 262 -22.88 20.02 -8.94
N VAL A 263 -22.35 18.89 -8.44
CA VAL A 263 -21.79 17.82 -9.29
C VAL A 263 -22.51 16.49 -9.03
N THR A 264 -22.49 15.60 -10.01
CA THR A 264 -22.92 14.23 -9.87
C THR A 264 -21.73 13.26 -9.88
N ASP A 265 -22.00 11.99 -9.58
CA ASP A 265 -20.97 10.97 -9.65
C ASP A 265 -20.50 10.67 -11.07
N GLU A 266 -21.42 10.69 -12.03
CA GLU A 266 -21.07 10.44 -13.42
C GLU A 266 -20.09 11.50 -13.90
N ILE A 267 -20.28 12.74 -13.45
CA ILE A 267 -19.43 13.85 -13.83
C ILE A 267 -18.03 13.69 -13.25
N ILE A 268 -17.95 13.30 -11.97
CA ILE A 268 -16.67 13.02 -11.33
C ILE A 268 -15.96 11.87 -12.06
N LYS A 269 -16.67 10.79 -12.33
CA LYS A 269 -16.04 9.62 -12.97
C LYS A 269 -15.51 9.93 -14.39
N GLN A 270 -16.30 10.68 -15.14
CA GLN A 270 -15.92 11.02 -16.51
C GLN A 270 -14.75 12.06 -16.51
N LYS A 271 -14.74 12.99 -15.56
CA LYS A 271 -13.62 13.91 -15.46
C LYS A 271 -12.31 13.25 -15.00
N VAL A 272 -12.37 12.32 -14.06
CA VAL A 272 -11.16 11.60 -13.64
C VAL A 272 -10.64 10.79 -14.79
N ALA A 273 -11.52 10.07 -15.49
CA ALA A 273 -11.13 9.30 -16.67
C ALA A 273 -10.43 10.21 -17.69
N GLU A 274 -10.97 11.43 -17.87
CA GLU A 274 -10.46 12.41 -18.83
C GLU A 274 -9.03 12.81 -18.49
N MET A 275 -8.78 13.06 -17.20
CA MET A 275 -7.44 13.46 -16.78
C MET A 275 -6.44 12.32 -16.99
N LEU A 276 -6.86 11.09 -16.75
CA LEU A 276 -5.97 9.96 -16.93
C LEU A 276 -5.59 9.80 -18.42
N GLU A 277 -6.57 9.93 -19.31
CA GLU A 277 -6.36 9.86 -20.76
C GLU A 277 -5.46 11.02 -21.23
N LYS A 278 -5.71 12.22 -20.71
CA LYS A 278 -4.93 13.41 -21.07
C LYS A 278 -3.47 13.27 -20.69
N HIS A 279 -3.16 12.52 -19.64
CA HIS A 279 -1.77 12.24 -19.28
C HIS A 279 -1.31 10.91 -19.84
N ASN A 280 -2.13 10.28 -20.70
CA ASN A 280 -1.74 9.05 -21.43
C ASN A 280 -1.29 7.91 -20.48
N LEU A 281 -2.02 7.75 -19.38
CA LEU A 281 -1.72 6.71 -18.40
C LEU A 281 -2.49 5.40 -18.71
N LYS A 282 -1.84 4.26 -18.54
CA LYS A 282 -2.57 2.98 -18.50
C LYS A 282 -2.78 2.55 -17.05
N TYR A 283 -4.03 2.22 -16.77
CA TYR A 283 -4.55 2.14 -15.43
C TYR A 283 -5.78 1.24 -15.41
N ARG A 284 -6.16 0.83 -14.20
CA ARG A 284 -7.46 0.25 -13.94
C ARG A 284 -8.02 0.97 -12.74
N ILE A 285 -9.34 1.15 -12.71
CA ILE A 285 -9.97 1.91 -11.64
C ILE A 285 -11.22 1.20 -11.22
N GLU A 286 -11.44 1.11 -9.93
CA GLU A 286 -12.68 0.58 -9.40
C GLU A 286 -13.31 1.63 -8.50
N TRP A 287 -14.58 1.88 -8.74
CA TRP A 287 -15.30 2.94 -8.09
C TRP A 287 -16.20 2.38 -7.04
N ASN A 288 -16.24 3.06 -5.90
CA ASN A 288 -17.16 2.69 -4.82
C ASN A 288 -17.99 3.94 -4.45
N LEU A 289 -19.26 3.94 -4.82
CA LEU A 289 -20.19 5.01 -4.47
C LEU A 289 -20.83 4.66 -3.15
N SER A 290 -20.63 5.46 -2.13
CA SER A 290 -21.25 5.21 -0.83
C SER A 290 -22.61 5.85 -0.74
N GLY A 291 -22.77 7.02 -1.34
CA GLY A 291 -24.02 7.75 -1.25
C GLY A 291 -23.97 8.93 -2.17
N LYS A 292 -25.10 9.25 -2.77
CA LYS A 292 -25.24 10.48 -3.52
C LYS A 292 -25.70 11.56 -2.55
N PRO A 293 -25.40 12.82 -2.87
CA PRO A 293 -25.82 13.92 -2.02
C PRO A 293 -27.32 14.13 -2.06
N PHE A 294 -27.92 14.61 -0.99
CA PHE A 294 -29.31 15.01 -1.03
C PHE A 294 -29.44 16.33 -0.31
N LEU A 295 -30.49 17.07 -0.65
CA LEU A 295 -30.72 18.39 -0.09
C LEU A 295 -32.19 18.73 -0.13
N THR A 296 -32.78 18.98 1.03
CA THR A 296 -34.13 19.53 1.05
C THR A 296 -34.08 21.06 1.22
N LYS A 297 -34.36 21.79 0.15
CA LYS A 297 -34.36 23.26 0.24
C LYS A 297 -35.56 23.73 1.05
N PRO A 298 -35.46 24.93 1.64
CA PRO A 298 -36.65 25.49 2.29
C PRO A 298 -37.85 25.34 1.38
N GLY A 299 -39.00 25.02 1.96
CA GLY A 299 -40.20 24.64 1.22
C GLY A 299 -41.22 24.04 2.17
N LYS A 300 -42.18 23.32 1.61
CA LYS A 300 -43.23 22.69 2.41
C LYS A 300 -42.67 21.76 3.48
N LEU A 301 -41.81 20.81 3.10
CA LEU A 301 -41.37 19.85 4.09
C LEU A 301 -40.63 20.56 5.22
N LEU A 302 -39.65 21.41 4.87
CA LEU A 302 -38.78 21.99 5.89
C LEU A 302 -39.53 23.01 6.75
N ASP A 303 -40.43 23.79 6.16
CA ASP A 303 -41.32 24.65 6.99
C ASP A 303 -42.22 23.85 7.93
N SER A 304 -42.70 22.70 7.47
CA SER A 304 -43.64 21.94 8.28
C SER A 304 -42.98 21.46 9.56
N ILE A 305 -41.74 20.99 9.49
CA ILE A 305 -41.03 20.52 10.68
C ILE A 305 -40.51 21.71 11.48
N THR A 306 -39.96 22.71 10.80
CA THR A 306 -39.49 23.94 11.46
C THR A 306 -40.62 24.62 12.24
N SER A 307 -41.77 24.80 11.60
CA SER A 307 -42.89 25.42 12.30
C SER A 307 -43.44 24.49 13.42
N ALA A 308 -43.42 23.18 13.19
CA ALA A 308 -43.82 22.22 14.21
C ALA A 308 -42.94 22.34 15.46
N ILE A 309 -41.64 22.49 15.29
CA ILE A 309 -40.78 22.63 16.45
C ILE A 309 -41.07 23.97 17.15
N GLU A 310 -41.19 25.05 16.39
CA GLU A 310 -41.34 26.37 17.00
C GLU A 310 -42.63 26.41 17.80
N GLU A 311 -43.72 25.92 17.23
CA GLU A 311 -45.00 26.01 17.92
C GLU A 311 -45.23 24.95 19.01
N THR A 312 -44.31 23.99 19.15
CA THR A 312 -44.44 22.98 20.18
C THR A 312 -43.57 23.31 21.38
N ILE A 313 -42.30 23.66 21.14
CA ILE A 313 -41.35 23.88 22.22
C ILE A 313 -40.70 25.27 22.16
N GLY A 314 -41.21 26.14 21.31
CA GLY A 314 -40.75 27.52 21.29
C GLY A 314 -39.30 27.75 20.90
N ILE A 315 -38.67 26.81 20.18
CA ILE A 315 -37.31 27.04 19.68
C ILE A 315 -37.27 27.02 18.15
N THR A 316 -36.38 27.82 17.56
CA THR A 316 -36.17 27.86 16.13
C THR A 316 -34.99 26.99 15.78
N PRO A 317 -35.24 25.81 15.18
CA PRO A 317 -34.13 24.96 14.78
C PRO A 317 -33.32 25.56 13.62
N LYS A 318 -32.03 25.30 13.66
CA LYS A 318 -31.14 25.53 12.54
C LYS A 318 -31.15 24.30 11.63
N ALA A 319 -31.39 24.51 10.33
CA ALA A 319 -31.27 23.46 9.33
C ALA A 319 -29.80 23.22 8.99
N GLU A 320 -29.35 21.97 8.97
CA GLU A 320 -27.94 21.64 8.76
C GLU A 320 -27.72 20.41 7.87
N THR A 321 -26.64 20.44 7.09
CA THR A 321 -26.26 19.29 6.27
C THR A 321 -25.13 18.63 7.01
N GLY A 322 -24.99 17.32 6.92
CA GLY A 322 -23.95 16.64 7.68
C GLY A 322 -24.53 15.67 8.69
N GLY A 323 -23.97 15.66 9.90
CA GLY A 323 -24.47 14.79 10.98
C GLY A 323 -24.11 13.32 10.91
N GLY A 324 -23.24 12.96 9.97
CA GLY A 324 -22.87 11.56 9.79
C GLY A 324 -24.01 10.73 9.21
N THR A 325 -23.77 9.42 9.19
CA THR A 325 -24.57 8.46 8.43
C THR A 325 -25.97 8.24 9.02
N SER A 326 -26.99 8.44 8.19
CA SER A 326 -28.32 7.89 8.46
C SER A 326 -28.70 7.14 7.20
N ASP A 327 -29.92 6.62 7.14
CA ASP A 327 -30.44 6.02 5.91
C ASP A 327 -31.11 7.07 4.96
N GLY A 328 -31.08 8.34 5.33
CA GLY A 328 -31.64 9.39 4.50
C GLY A 328 -31.11 9.45 3.08
N ARG A 329 -29.83 9.18 2.92
CA ARG A 329 -29.18 9.21 1.60
CA ARG A 329 -29.20 9.24 1.59
C ARG A 329 -29.72 8.14 0.66
N PHE A 330 -30.22 7.05 1.24
CA PHE A 330 -30.80 5.98 0.42
C PHE A 330 -32.18 6.36 -0.01
N ILE A 331 -32.94 6.92 0.93
CA ILE A 331 -34.34 7.27 0.68
C ILE A 331 -34.45 8.37 -0.38
N ALA A 332 -33.56 9.36 -0.30
CA ALA A 332 -33.51 10.44 -1.26
C ALA A 332 -33.29 9.96 -2.71
N LEU A 333 -32.74 8.77 -2.92
CA LEU A 333 -32.54 8.22 -4.28
C LEU A 333 -33.84 8.06 -5.04
N MET A 334 -34.93 7.84 -4.33
CA MET A 334 -36.20 7.66 -5.02
C MET A 334 -36.91 8.98 -5.33
N GLY A 335 -36.24 10.10 -5.08
CA GLY A 335 -36.85 11.41 -5.34
C GLY A 335 -37.64 11.99 -4.18
N ALA A 336 -37.66 11.29 -3.06
CA ALA A 336 -38.25 11.81 -1.82
C ALA A 336 -37.40 12.95 -1.27
N GLU A 337 -38.07 13.99 -0.77
CA GLU A 337 -37.44 14.99 0.05
C GLU A 337 -37.30 14.48 1.47
N VAL A 338 -36.08 14.55 2.00
CA VAL A 338 -35.73 13.97 3.29
C VAL A 338 -35.30 15.08 4.28
N VAL A 339 -35.93 15.10 5.46
CA VAL A 339 -35.43 15.85 6.62
C VAL A 339 -35.26 14.88 7.79
N GLU A 340 -34.47 15.26 8.78
CA GLU A 340 -34.27 14.43 9.96
C GLU A 340 -34.33 15.24 11.20
N PHE A 341 -34.98 14.68 12.20
CA PHE A 341 -35.15 15.30 13.47
C PHE A 341 -35.45 14.28 14.52
N GLY A 342 -34.83 14.46 15.67
CA GLY A 342 -35.09 13.65 16.83
C GLY A 342 -34.41 14.19 18.07
N PRO A 343 -34.38 13.39 19.13
CA PRO A 343 -33.90 13.77 20.47
C PRO A 343 -32.42 14.13 20.56
N LEU A 344 -31.98 14.44 21.78
CA LEU A 344 -30.54 14.73 22.02
C LEU A 344 -29.71 13.49 21.65
N ASN A 345 -28.59 13.70 20.97
CA ASN A 345 -27.75 12.57 20.54
C ASN A 345 -26.53 12.35 21.41
N SER A 346 -26.50 12.98 22.58
CA SER A 346 -25.24 13.03 23.32
C SER A 346 -24.86 11.69 23.94
N THR A 347 -25.85 10.85 24.24
CA THR A 347 -25.63 9.56 24.91
C THR A 347 -25.69 8.34 23.96
N ILE A 348 -25.86 8.60 22.67
CA ILE A 348 -25.98 7.48 21.72
C ILE A 348 -24.68 6.67 21.69
N HIS A 349 -24.82 5.34 21.59
CA HIS A 349 -23.67 4.42 21.54
C HIS A 349 -22.80 4.41 22.81
N LYS A 350 -23.29 4.95 23.92
CA LYS A 350 -22.52 4.95 25.15
C LYS A 350 -23.20 4.14 26.24
N VAL A 351 -22.44 3.86 27.30
CA VAL A 351 -22.95 3.25 28.51
C VAL A 351 -23.93 4.24 29.08
N ASN A 352 -25.03 3.78 29.67
CA ASN A 352 -26.07 4.66 30.21
C ASN A 352 -26.75 5.57 29.18
N GLU A 353 -26.95 5.05 27.97
CA GLU A 353 -27.76 5.73 27.00
C GLU A 353 -29.14 5.97 27.60
N CYS A 354 -29.68 7.16 27.38
CA CYS A 354 -30.97 7.51 27.94
C CYS A 354 -31.58 8.69 27.22
N VAL A 355 -32.85 8.92 27.49
CA VAL A 355 -33.57 10.02 26.86
C VAL A 355 -34.66 10.46 27.81
N SER A 356 -34.93 11.76 27.80
CA SER A 356 -35.96 12.35 28.64
C SER A 356 -37.36 11.86 28.27
N VAL A 357 -38.11 11.37 29.26
CA VAL A 357 -39.50 11.03 29.03
C VAL A 357 -40.21 12.26 28.51
N GLU A 358 -39.92 13.43 29.08
CA GLU A 358 -40.57 14.68 28.65
C GLU A 358 -40.25 14.96 27.17
N ASP A 359 -39.01 14.70 26.74
CA ASP A 359 -38.61 14.99 25.37
C ASP A 359 -39.27 14.07 24.37
N LEU A 360 -39.36 12.79 24.72
CA LEU A 360 -40.10 11.83 23.91
C LEU A 360 -41.52 12.30 23.69
N GLY A 361 -42.17 12.77 24.75
CA GLY A 361 -43.54 13.34 24.60
C GLY A 361 -43.57 14.49 23.61
N LYS A 362 -42.64 15.42 23.77
CA LYS A 362 -42.55 16.57 22.89
C LYS A 362 -42.28 16.14 21.45
N CYS A 363 -41.42 15.13 21.25
CA CYS A 363 -41.16 14.61 19.90
C CYS A 363 -42.41 14.09 19.25
N GLY A 364 -43.13 13.26 19.97
CA GLY A 364 -44.46 12.84 19.57
C GLY A 364 -45.33 13.99 19.09
N GLU A 365 -45.38 15.07 19.86
CA GLU A 365 -46.24 16.20 19.49
CA GLU A 365 -46.21 16.22 19.53
C GLU A 365 -45.69 16.93 18.27
N ILE A 366 -44.37 17.02 18.16
CA ILE A 366 -43.74 17.64 17.00
C ILE A 366 -43.97 16.82 15.71
N TYR A 367 -43.79 15.52 15.79
CA TYR A 367 -44.05 14.70 14.63
C TYR A 367 -45.51 14.79 14.21
N HIS A 368 -46.42 14.77 15.18
CA HIS A 368 -47.83 14.88 14.86
C HIS A 368 -48.17 16.24 14.21
N LYS A 369 -47.60 17.31 14.74
CA LYS A 369 -47.88 18.67 14.22
C LYS A 369 -47.30 18.86 12.80
N MET A 370 -46.19 18.19 12.51
CA MET A 370 -45.62 18.17 11.15
C MET A 370 -46.62 17.60 10.16
N LEU A 371 -47.32 16.55 10.58
CA LEU A 371 -48.33 15.94 9.73
C LEU A 371 -49.48 16.91 9.51
N VAL A 372 -49.90 17.59 10.56
CA VAL A 372 -50.96 18.58 10.45
C VAL A 372 -50.54 19.73 9.50
N ASN A 373 -49.31 20.19 9.65
CA ASN A 373 -48.81 21.28 8.80
C ASN A 373 -48.66 20.82 7.35
N LEU A 374 -48.26 19.58 7.13
CA LEU A 374 -48.10 19.07 5.77
C LEU A 374 -49.41 18.77 5.07
N LEU A 375 -50.43 18.35 5.83
CA LEU A 375 -51.67 17.84 5.23
C LEU A 375 -52.95 18.61 5.57
N ASP A 376 -52.92 19.62 6.44
CA ASP A 376 -54.20 20.26 6.91
C ASP A 376 -54.22 21.73 6.54
N MET B 1 47.30 -27.58 -13.86
CA MET B 1 46.44 -27.30 -12.69
C MET B 1 44.95 -27.53 -12.99
N LYS B 2 44.64 -27.95 -14.22
CA LYS B 2 43.26 -28.15 -14.64
C LYS B 2 42.51 -29.09 -13.70
N GLU B 3 43.20 -30.15 -13.27
CA GLU B 3 42.55 -31.21 -12.52
C GLU B 3 42.21 -30.71 -11.11
N LYS B 4 43.09 -29.92 -10.49
CA LYS B 4 42.78 -29.38 -9.16
C LYS B 4 41.59 -28.43 -9.20
N VAL B 5 41.49 -27.65 -10.28
CA VAL B 5 40.42 -26.69 -10.46
C VAL B 5 39.09 -27.40 -10.68
N VAL B 6 39.11 -28.37 -11.59
CA VAL B 6 37.91 -29.14 -11.90
C VAL B 6 37.44 -29.85 -10.64
N SER B 7 38.38 -30.47 -9.93
CA SER B 7 38.03 -31.22 -8.72
C SER B 7 37.41 -30.30 -7.67
N LEU B 8 38.05 -29.15 -7.39
CA LEU B 8 37.46 -28.21 -6.42
C LEU B 8 36.08 -27.70 -6.87
N ALA B 9 35.94 -27.42 -8.16
CA ALA B 9 34.67 -26.91 -8.68
C ALA B 9 33.58 -27.93 -8.46
N GLN B 10 33.90 -29.20 -8.69
CA GLN B 10 32.92 -30.27 -8.45
C GLN B 10 32.51 -30.36 -6.98
N ASP B 11 33.49 -30.27 -6.07
CA ASP B 11 33.19 -30.35 -4.63
C ASP B 11 32.24 -29.21 -4.22
N LEU B 12 32.40 -28.04 -4.84
CA LEU B 12 31.48 -26.91 -4.57
C LEU B 12 30.12 -27.09 -5.22
N ILE B 13 30.11 -27.55 -6.46
CA ILE B 13 28.85 -27.72 -7.22
C ILE B 13 27.89 -28.66 -6.48
N ARG B 14 28.44 -29.64 -5.78
CA ARG B 14 27.62 -30.66 -5.13
C ARG B 14 26.89 -30.14 -3.89
N ARG B 15 27.39 -29.04 -3.32
CA ARG B 15 26.71 -28.40 -2.20
C ARG B 15 25.58 -27.52 -2.78
N PRO B 16 24.31 -27.82 -2.43
CA PRO B 16 23.16 -27.07 -2.96
C PRO B 16 22.98 -25.69 -2.30
N SER B 17 23.97 -24.83 -2.51
CA SER B 17 24.05 -23.55 -1.82
C SER B 17 23.12 -22.47 -2.39
N ILE B 18 21.81 -22.70 -2.27
CA ILE B 18 20.79 -21.75 -2.69
C ILE B 18 20.83 -20.55 -1.77
N SER B 19 20.84 -19.35 -2.34
CA SER B 19 21.08 -18.13 -1.57
C SER B 19 20.12 -18.02 -0.40
N PRO B 20 20.61 -17.65 0.81
CA PRO B 20 21.99 -17.29 1.17
C PRO B 20 22.76 -18.42 1.84
N ASN B 21 22.32 -19.64 1.65
CA ASN B 21 22.86 -20.78 2.44
C ASN B 21 24.10 -21.43 1.80
N ASP B 22 25.25 -21.22 2.43
CA ASP B 22 26.57 -21.66 1.95
C ASP B 22 26.71 -23.17 1.83
N GLU B 23 25.97 -23.93 2.63
CA GLU B 23 26.07 -25.41 2.66
C GLU B 23 27.51 -25.94 2.77
N GLY B 24 28.33 -25.31 3.60
CA GLY B 24 29.69 -25.81 3.86
C GLY B 24 30.70 -25.51 2.77
N CYS B 25 30.32 -24.75 1.74
CA CYS B 25 31.26 -24.38 0.70
C CYS B 25 32.46 -23.61 1.22
N GLN B 26 32.22 -22.60 2.07
CA GLN B 26 33.32 -21.77 2.51
C GLN B 26 34.22 -22.51 3.46
N GLN B 27 33.67 -23.48 4.16
CA GLN B 27 34.47 -24.24 5.11
C GLN B 27 35.45 -25.08 4.31
N ILE B 28 34.99 -25.73 3.23
CA ILE B 28 35.93 -26.55 2.47
C ILE B 28 37.01 -25.66 1.80
N ILE B 29 36.66 -24.42 1.48
CA ILE B 29 37.64 -23.52 0.90
C ILE B 29 38.61 -23.13 2.02
N ALA B 30 38.08 -22.73 3.19
CA ALA B 30 38.93 -22.29 4.31
C ALA B 30 39.95 -23.35 4.68
N GLU B 31 39.49 -24.59 4.79
CA GLU B 31 40.36 -25.72 5.18
C GLU B 31 41.61 -25.77 4.31
N ARG B 32 41.45 -25.82 3.00
CA ARG B 32 42.64 -25.89 2.12
C ARG B 32 43.54 -24.64 2.17
N LEU B 33 42.95 -23.45 2.17
CA LEU B 33 43.73 -22.24 2.26
C LEU B 33 44.50 -22.16 3.58
N GLU B 34 43.86 -22.58 4.67
CA GLU B 34 44.51 -22.62 5.97
C GLU B 34 45.73 -23.56 6.00
N LYS B 35 45.68 -24.65 5.23
CA LYS B 35 46.81 -25.60 5.17
C LYS B 35 48.03 -24.97 4.49
N LEU B 36 47.81 -23.99 3.62
CA LEU B 36 48.89 -23.10 3.19
C LEU B 36 48.90 -21.97 4.24
N GLY B 37 49.69 -20.93 4.08
CA GLY B 37 49.78 -19.97 5.19
C GLY B 37 48.65 -18.94 5.41
N PHE B 38 47.44 -19.18 4.90
CA PHE B 38 46.39 -18.13 4.93
C PHE B 38 45.77 -17.89 6.30
N GLN B 39 45.63 -16.61 6.67
CA GLN B 39 44.78 -16.17 7.80
C GLN B 39 43.31 -16.21 7.38
N ILE B 40 42.52 -17.00 8.10
CA ILE B 40 41.09 -17.14 7.87
C ILE B 40 40.32 -16.24 8.84
N GLU B 41 39.41 -15.42 8.31
CA GLU B 41 38.55 -14.62 9.17
C GLU B 41 37.13 -14.70 8.63
N TRP B 42 36.25 -15.26 9.45
CA TRP B 42 34.86 -15.37 9.11
C TRP B 42 34.19 -14.06 9.42
N MET B 43 33.26 -13.65 8.58
CA MET B 43 32.45 -12.47 8.87
C MET B 43 30.98 -12.76 8.58
N PRO B 44 30.40 -13.75 9.27
CA PRO B 44 28.99 -13.98 9.03
C PRO B 44 28.12 -12.78 9.41
N PHE B 45 27.01 -12.59 8.73
CA PHE B 45 25.98 -11.70 9.22
C PHE B 45 24.60 -12.24 8.83
N ASN B 46 23.74 -12.32 9.84
CA ASN B 46 22.43 -12.92 9.71
C ASN B 46 22.52 -14.31 9.10
N ASP B 47 21.95 -14.54 7.92
CA ASP B 47 21.89 -15.88 7.32
C ASP B 47 23.03 -16.13 6.30
N THR B 48 23.99 -15.20 6.24
CA THR B 48 24.98 -15.22 5.17
C THR B 48 26.34 -15.47 5.75
N LEU B 49 27.13 -16.28 5.07
CA LEU B 49 28.47 -16.62 5.52
C LEU B 49 29.55 -15.98 4.67
N ASN B 50 30.27 -15.01 5.24
CA ASN B 50 31.35 -14.34 4.54
C ASN B 50 32.70 -14.94 4.89
N LEU B 51 33.67 -14.75 4.00
CA LEU B 51 35.00 -15.30 4.21
C LEU B 51 36.09 -14.37 3.67
N TRP B 52 36.94 -13.88 4.58
CA TRP B 52 38.04 -13.02 4.20
C TRP B 52 39.31 -13.75 4.61
N ALA B 53 40.09 -14.13 3.61
CA ALA B 53 41.33 -14.90 3.78
C ALA B 53 42.44 -14.15 3.10
N LYS B 54 43.59 -14.05 3.76
CA LYS B 54 44.75 -13.41 3.12
C LYS B 54 46.07 -14.08 3.44
N HIS B 55 47.00 -13.91 2.52
CA HIS B 55 48.38 -14.34 2.69
C HIS B 55 49.27 -13.15 2.37
N GLY B 56 50.08 -12.74 3.34
CA GLY B 56 50.99 -11.58 3.22
C GLY B 56 50.54 -10.48 4.15
N THR B 57 51.32 -9.41 4.26
CA THR B 57 50.93 -8.19 5.04
C THR B 57 51.07 -6.85 4.32
N SER B 58 52.10 -6.71 3.49
CA SER B 58 52.32 -5.46 2.78
C SER B 58 51.22 -5.20 1.73
N GLU B 59 51.04 -3.93 1.42
CA GLU B 59 50.33 -3.56 0.22
C GLU B 59 51.29 -3.85 -0.93
N PRO B 60 50.79 -3.94 -2.17
CA PRO B 60 49.39 -3.98 -2.61
C PRO B 60 48.61 -5.23 -2.15
N VAL B 61 47.34 -5.02 -1.80
CA VAL B 61 46.42 -6.10 -1.52
C VAL B 61 45.68 -6.44 -2.80
N ILE B 62 45.78 -7.70 -3.23
CA ILE B 62 45.08 -8.19 -4.39
C ILE B 62 44.01 -9.19 -3.95
N ALA B 63 42.74 -8.74 -3.97
CA ALA B 63 41.60 -9.57 -3.59
C ALA B 63 40.95 -10.27 -4.77
N PHE B 64 40.84 -11.61 -4.69
CA PHE B 64 39.90 -12.35 -5.52
C PHE B 64 38.52 -12.40 -4.84
N ALA B 65 37.48 -12.09 -5.62
CA ALA B 65 36.15 -11.96 -5.11
C ALA B 65 35.17 -12.79 -5.92
N GLY B 66 34.26 -13.43 -5.18
CA GLY B 66 33.18 -14.20 -5.77
C GLY B 66 32.17 -14.68 -4.74
N HIS B 67 31.25 -15.50 -5.19
CA HIS B 67 30.20 -15.96 -4.31
C HIS B 67 29.98 -17.47 -4.44
N THR B 68 29.55 -18.06 -3.32
CA THR B 68 29.32 -19.50 -3.27
C THR B 68 27.85 -19.82 -3.48
N ASP B 69 26.98 -18.82 -3.47
CA ASP B 69 25.55 -19.07 -3.65
C ASP B 69 25.18 -19.21 -5.11
N VAL B 70 24.04 -19.84 -5.34
CA VAL B 70 23.56 -20.09 -6.69
C VAL B 70 22.08 -19.81 -6.69
N VAL B 71 21.54 -19.47 -7.84
CA VAL B 71 20.11 -19.29 -7.96
C VAL B 71 19.39 -20.66 -8.01
N PRO B 72 18.09 -20.67 -7.71
CA PRO B 72 17.35 -21.94 -7.64
C PRO B 72 17.45 -22.72 -8.95
N THR B 73 17.24 -24.03 -8.86
CA THR B 73 17.50 -24.92 -10.00
CA THR B 73 17.48 -24.94 -9.99
C THR B 73 16.33 -24.95 -11.01
N GLY B 74 15.12 -24.68 -10.53
CA GLY B 74 13.91 -24.90 -11.34
C GLY B 74 13.56 -26.37 -11.19
N ASP B 75 12.73 -26.90 -12.07
CA ASP B 75 12.27 -28.29 -11.93
C ASP B 75 13.39 -29.25 -12.32
N GLU B 76 13.77 -30.12 -11.41
CA GLU B 76 14.88 -31.04 -11.67
C GLU B 76 14.55 -32.07 -12.76
N ASN B 77 13.33 -32.03 -13.29
CA ASN B 77 12.92 -32.87 -14.43
C ASN B 77 13.60 -32.47 -15.72
N GLN B 78 13.86 -31.17 -15.87
CA GLN B 78 14.35 -30.63 -17.12
C GLN B 78 15.87 -30.72 -17.27
N TRP B 79 16.59 -31.11 -16.22
CA TRP B 79 18.03 -31.25 -16.33
C TRP B 79 18.36 -32.58 -16.95
N SER B 80 19.31 -32.60 -17.87
CA SER B 80 19.78 -33.85 -18.45
C SER B 80 20.96 -34.45 -17.64
N SER B 81 21.29 -33.81 -16.53
CA SER B 81 22.20 -34.34 -15.52
C SER B 81 21.81 -33.58 -14.25
N PRO B 82 21.52 -34.28 -13.14
CA PRO B 82 20.97 -33.61 -11.94
C PRO B 82 21.77 -32.39 -11.50
N PRO B 83 21.07 -31.31 -11.11
CA PRO B 83 21.71 -29.99 -10.97
C PRO B 83 22.86 -29.93 -9.96
N PHE B 84 22.97 -30.88 -9.05
CA PHE B 84 24.05 -30.86 -8.07
C PHE B 84 24.95 -32.09 -8.16
N SER B 85 24.83 -32.83 -9.24
CA SER B 85 25.63 -34.05 -9.40
C SER B 85 27.05 -33.73 -9.92
N ALA B 86 27.24 -32.57 -10.54
CA ALA B 86 28.58 -32.16 -11.00
C ALA B 86 29.20 -33.15 -11.99
N GLU B 87 28.41 -33.67 -12.92
CA GLU B 87 28.91 -34.66 -13.87
C GLU B 87 29.66 -34.00 -15.02
N ILE B 88 30.73 -34.65 -15.47
CA ILE B 88 31.46 -34.22 -16.67
C ILE B 88 31.02 -35.08 -17.85
N ILE B 89 30.59 -34.43 -18.93
CA ILE B 89 30.08 -35.13 -20.11
C ILE B 89 30.58 -34.44 -21.40
N ASP B 90 31.37 -35.17 -22.18
CA ASP B 90 31.97 -34.67 -23.43
C ASP B 90 32.68 -33.32 -23.22
N GLY B 91 33.52 -33.27 -22.19
CA GLY B 91 34.26 -32.05 -21.87
C GLY B 91 33.49 -30.94 -21.15
N MET B 92 32.21 -31.13 -20.85
CA MET B 92 31.48 -30.11 -20.10
C MET B 92 31.18 -30.54 -18.65
N LEU B 93 31.44 -29.65 -17.71
CA LEU B 93 30.97 -29.82 -16.34
C LEU B 93 29.53 -29.27 -16.22
N TYR B 94 28.58 -30.13 -15.85
CA TYR B 94 27.18 -29.73 -15.69
C TYR B 94 26.81 -29.53 -14.24
N GLY B 95 26.02 -28.49 -14.00
CA GLY B 95 25.54 -28.17 -12.65
C GLY B 95 25.11 -26.73 -12.45
N ARG B 96 24.22 -26.55 -11.47
CA ARG B 96 23.92 -25.21 -11.00
C ARG B 96 25.19 -24.63 -10.33
N GLY B 97 25.70 -23.54 -10.90
CA GLY B 97 26.92 -22.88 -10.40
C GLY B 97 28.20 -23.25 -11.12
N ALA B 98 28.11 -24.14 -12.10
CA ALA B 98 29.26 -24.47 -12.92
C ALA B 98 29.84 -23.18 -13.51
N ALA B 99 28.97 -22.42 -14.17
CA ALA B 99 29.32 -21.18 -14.85
C ALA B 99 29.31 -20.00 -13.90
N ASP B 100 28.32 -19.95 -13.03
CA ASP B 100 28.09 -18.78 -12.20
C ASP B 100 27.94 -19.17 -10.75
N MET B 101 29.06 -19.21 -10.01
CA MET B 101 30.40 -18.99 -10.54
C MET B 101 31.40 -19.90 -9.81
N LYS B 102 30.93 -21.07 -9.41
CA LYS B 102 31.79 -22.03 -8.68
C LYS B 102 33.02 -22.50 -9.50
N GLY B 103 32.84 -22.64 -10.81
CA GLY B 103 33.93 -22.99 -11.68
C GLY B 103 35.04 -21.96 -11.55
N SER B 104 34.69 -20.68 -11.71
CA SER B 104 35.72 -19.61 -11.63
C SER B 104 36.14 -19.34 -10.21
N LEU B 105 35.29 -19.63 -9.25
CA LEU B 105 35.71 -19.53 -7.87
C LEU B 105 36.86 -20.51 -7.64
N ALA B 106 36.71 -21.73 -8.14
CA ALA B 106 37.72 -22.79 -7.95
C ALA B 106 39.01 -22.39 -8.62
N ALA B 107 38.90 -21.86 -9.85
CA ALA B 107 40.09 -21.42 -10.59
C ALA B 107 40.85 -20.32 -9.85
N MET B 108 40.16 -19.30 -9.33
CA MET B 108 40.85 -18.23 -8.61
C MET B 108 41.50 -18.78 -7.36
N ILE B 109 40.79 -19.66 -6.65
CA ILE B 109 41.33 -20.33 -5.45
C ILE B 109 42.65 -21.12 -5.69
N VAL B 110 42.63 -22.04 -6.64
CA VAL B 110 43.81 -22.82 -7.02
C VAL B 110 44.97 -21.93 -7.51
N ALA B 111 44.65 -20.85 -8.21
CA ALA B 111 45.65 -19.90 -8.69
C ALA B 111 46.31 -19.20 -7.51
N ALA B 112 45.52 -18.75 -6.53
CA ALA B 112 46.05 -18.09 -5.36
C ALA B 112 46.97 -19.03 -4.57
N GLU B 113 46.54 -20.29 -4.42
CA GLU B 113 47.32 -21.29 -3.70
C GLU B 113 48.66 -21.56 -4.40
N GLU B 114 48.59 -21.81 -5.70
CA GLU B 114 49.76 -22.18 -6.45
C GLU B 114 50.79 -21.10 -6.42
N TYR B 115 50.34 -19.85 -6.53
CA TYR B 115 51.23 -18.73 -6.43
C TYR B 115 51.87 -18.67 -5.04
N VAL B 116 51.08 -18.88 -4.00
CA VAL B 116 51.57 -18.74 -2.63
C VAL B 116 52.60 -19.86 -2.28
N LYS B 117 52.28 -21.11 -2.64
CA LYS B 117 53.21 -22.23 -2.48
C LYS B 117 54.56 -21.91 -3.15
N ALA B 118 54.51 -21.46 -4.40
CA ALA B 118 55.71 -21.18 -5.19
C ALA B 118 56.42 -19.89 -4.78
N ASN B 119 55.78 -19.02 -4.01
CA ASN B 119 56.36 -17.73 -3.66
C ASN B 119 56.07 -17.28 -2.22
N PRO B 120 56.44 -18.12 -1.25
CA PRO B 120 56.15 -17.83 0.18
C PRO B 120 56.49 -16.40 0.64
N ASN B 121 57.53 -15.78 0.07
CA ASN B 121 57.94 -14.42 0.48
C ASN B 121 57.50 -13.35 -0.48
N HIS B 122 56.44 -13.63 -1.23
CA HIS B 122 55.89 -12.69 -2.19
C HIS B 122 55.62 -11.36 -1.49
N LYS B 123 55.75 -10.29 -2.23
CA LYS B 123 55.33 -8.99 -1.77
C LYS B 123 53.80 -8.90 -1.80
N GLY B 124 53.27 -7.89 -1.13
CA GLY B 124 51.88 -7.61 -1.22
C GLY B 124 51.09 -8.65 -0.47
N THR B 125 49.77 -8.57 -0.63
CA THR B 125 48.87 -9.50 0.05
C THR B 125 47.98 -10.08 -1.01
N ILE B 126 47.90 -11.40 -1.06
CA ILE B 126 46.89 -12.07 -1.87
C ILE B 126 45.69 -12.43 -0.98
N ALA B 127 44.49 -11.96 -1.32
CA ALA B 127 43.28 -12.20 -0.50
C ALA B 127 42.14 -12.89 -1.28
N LEU B 128 41.29 -13.61 -0.55
CA LEU B 128 40.03 -14.07 -1.10
C LEU B 128 38.87 -13.47 -0.31
N LEU B 129 37.86 -12.99 -1.03
CA LEU B 129 36.67 -12.39 -0.44
C LEU B 129 35.47 -13.11 -1.05
N ILE B 130 34.91 -14.02 -0.24
CA ILE B 130 33.86 -14.94 -0.67
C ILE B 130 32.60 -14.69 0.16
N THR B 131 31.45 -14.66 -0.51
CA THR B 131 30.16 -14.48 0.14
C THR B 131 29.24 -15.57 -0.30
N SER B 132 28.25 -15.85 0.54
CA SER B 132 27.22 -16.83 0.27
C SER B 132 25.90 -16.14 -0.12
N ASP B 133 25.91 -14.80 -0.30
CA ASP B 133 24.77 -14.13 -0.97
C ASP B 133 25.14 -12.94 -1.84
N GLU B 134 25.42 -13.24 -3.10
CA GLU B 134 25.47 -12.25 -4.17
C GLU B 134 24.19 -12.24 -5.00
N GLU B 135 23.49 -13.38 -5.12
CA GLU B 135 22.42 -13.50 -6.11
C GLU B 135 21.06 -12.98 -5.63
N ALA B 136 20.78 -13.02 -4.33
CA ALA B 136 19.44 -12.64 -3.85
C ALA B 136 19.45 -11.23 -3.25
N THR B 137 19.09 -11.08 -1.98
CA THR B 137 18.95 -9.75 -1.36
C THR B 137 20.27 -9.00 -1.22
N ALA B 138 21.34 -9.74 -0.94
CA ALA B 138 22.72 -9.23 -1.02
C ALA B 138 22.95 -8.01 -0.15
N LYS B 139 22.39 -8.06 1.05
CA LYS B 139 22.52 -7.01 2.07
C LYS B 139 23.58 -7.36 3.11
N ASP B 140 23.76 -8.66 3.36
CA ASP B 140 24.60 -9.14 4.45
C ASP B 140 25.85 -9.89 3.96
N GLY B 141 26.14 -9.75 2.68
CA GLY B 141 27.28 -10.40 2.09
C GLY B 141 28.45 -9.47 1.91
N THR B 142 28.81 -9.23 0.66
CA THR B 142 29.98 -8.43 0.37
C THR B 142 29.88 -7.06 1.03
N ILE B 143 28.67 -6.50 1.07
CA ILE B 143 28.48 -5.19 1.68
C ILE B 143 29.00 -5.19 3.11
N HIS B 144 28.64 -6.24 3.86
CA HIS B 144 29.09 -6.44 5.23
C HIS B 144 30.61 -6.63 5.35
N VAL B 145 31.23 -7.35 4.43
CA VAL B 145 32.67 -7.49 4.52
C VAL B 145 33.34 -6.12 4.37
N VAL B 146 32.89 -5.35 3.36
CA VAL B 146 33.51 -4.05 3.07
C VAL B 146 33.33 -3.06 4.19
N GLU B 147 32.13 -3.03 4.81
CA GLU B 147 31.87 -2.23 6.05
C GLU B 147 32.88 -2.55 7.11
N THR B 148 33.10 -3.84 7.36
CA THR B 148 34.05 -4.28 8.38
C THR B 148 35.47 -3.85 8.05
N LEU B 149 35.92 -4.08 6.80
CA LEU B 149 37.28 -3.67 6.36
C LEU B 149 37.48 -2.15 6.47
N MET B 150 36.50 -1.40 5.97
CA MET B 150 36.59 0.06 5.98
C MET B 150 36.60 0.62 7.40
N ALA B 151 35.85 0.01 8.32
CA ALA B 151 35.80 0.46 9.72
C ALA B 151 37.16 0.37 10.42
N ARG B 152 37.98 -0.62 10.05
CA ARG B 152 39.31 -0.74 10.62
C ARG B 152 40.42 -0.29 9.65
N ASP B 153 40.05 0.48 8.62
CA ASP B 153 40.98 1.04 7.62
C ASP B 153 41.90 0.02 6.93
N GLU B 154 41.34 -1.15 6.64
CA GLU B 154 42.04 -2.16 5.83
C GLU B 154 41.77 -1.91 4.35
N LYS B 155 42.82 -2.00 3.54
CA LYS B 155 42.77 -1.64 2.13
C LYS B 155 42.72 -2.84 1.21
N ILE B 156 42.03 -2.69 0.09
CA ILE B 156 42.20 -3.54 -1.05
C ILE B 156 42.63 -2.64 -2.17
N THR B 157 43.79 -2.92 -2.75
CA THR B 157 44.32 -2.11 -3.85
C THR B 157 43.72 -2.55 -5.19
N TYR B 158 43.77 -3.85 -5.46
CA TYR B 158 43.22 -4.40 -6.71
C TYR B 158 42.22 -5.49 -6.41
N CYS B 159 41.21 -5.66 -7.27
CA CYS B 159 40.24 -6.75 -7.12
C CYS B 159 39.82 -7.36 -8.45
N MET B 160 39.89 -8.68 -8.50
CA MET B 160 39.43 -9.43 -9.62
C MET B 160 38.19 -10.17 -9.16
N VAL B 161 37.04 -9.81 -9.71
CA VAL B 161 35.79 -10.46 -9.43
C VAL B 161 35.58 -11.53 -10.48
N GLY B 162 35.40 -12.79 -10.04
CA GLY B 162 35.36 -13.94 -10.96
C GLY B 162 34.03 -14.21 -11.68
N GLU B 163 33.14 -13.22 -11.78
CA GLU B 163 31.90 -13.40 -12.52
C GLU B 163 32.19 -13.80 -14.00
N PRO B 164 31.40 -14.75 -14.53
CA PRO B 164 31.67 -15.25 -15.86
C PRO B 164 31.46 -14.11 -16.86
N SER B 165 32.53 -13.63 -17.47
CA SER B 165 32.50 -12.44 -18.30
C SER B 165 32.45 -12.77 -19.81
N SER B 166 32.81 -13.99 -20.18
CA SER B 166 32.98 -14.29 -21.61
C SER B 166 31.64 -14.46 -22.32
N ALA B 167 31.57 -13.94 -23.55
CA ALA B 167 30.33 -13.88 -24.32
C ALA B 167 30.24 -15.01 -25.34
N LYS B 168 31.33 -15.26 -26.05
CA LYS B 168 31.29 -16.23 -27.13
C LYS B 168 32.45 -17.18 -27.07
N ASN B 169 33.64 -16.64 -26.82
CA ASN B 169 34.85 -17.44 -26.64
C ASN B 169 35.49 -17.08 -25.31
N LEU B 170 35.98 -18.07 -24.59
CA LEU B 170 36.70 -17.77 -23.37
C LEU B 170 37.71 -16.65 -23.59
N GLY B 171 37.67 -15.63 -22.74
CA GLY B 171 38.62 -14.51 -22.80
C GLY B 171 38.23 -13.33 -23.67
N ASP B 172 37.09 -13.41 -24.36
CA ASP B 172 36.74 -12.37 -25.34
C ASP B 172 36.27 -11.04 -24.72
N VAL B 173 36.02 -11.06 -23.41
CA VAL B 173 35.50 -9.94 -22.66
C VAL B 173 36.00 -9.93 -21.20
N VAL B 174 36.44 -8.78 -20.75
CA VAL B 174 36.71 -8.47 -19.35
C VAL B 174 35.79 -7.27 -19.01
N LYS B 175 35.15 -7.30 -17.84
CA LYS B 175 34.35 -6.16 -17.38
C LYS B 175 35.23 -5.19 -16.59
N ASN B 176 35.29 -3.94 -17.04
CA ASN B 176 36.16 -2.96 -16.40
C ASN B 176 35.40 -1.82 -15.74
N GLY B 177 34.06 -1.86 -15.85
CA GLY B 177 33.24 -0.88 -15.17
C GLY B 177 31.86 -1.35 -14.75
N ARG B 178 31.41 -0.79 -13.63
CA ARG B 178 30.05 -0.96 -13.12
C ARG B 178 29.54 0.38 -12.59
N ARG B 179 28.21 0.53 -12.54
CA ARG B 179 27.60 1.69 -11.91
C ARG B 179 27.54 1.48 -10.41
N GLY B 180 27.46 2.59 -9.67
CA GLY B 180 27.26 2.58 -8.22
C GLY B 180 25.80 2.41 -7.78
N SER B 181 25.58 2.33 -6.48
CA SER B 181 24.23 2.10 -5.93
C SER B 181 24.08 2.95 -4.69
N ILE B 182 23.07 3.80 -4.68
CA ILE B 182 22.74 4.57 -3.49
C ILE B 182 21.22 4.53 -3.30
N THR B 183 20.80 4.49 -2.07
CA THR B 183 19.41 4.39 -1.73
C THR B 183 19.00 5.52 -0.82
N GLY B 184 18.02 6.28 -1.23
CA GLY B 184 17.41 7.28 -0.40
C GLY B 184 16.12 6.88 0.30
N ASN B 185 16.03 7.21 1.56
CA ASN B 185 14.86 6.91 2.35
C ASN B 185 14.29 8.21 2.85
N LEU B 186 13.18 8.64 2.27
CA LEU B 186 12.63 9.97 2.47
C LEU B 186 11.26 9.99 3.09
N TYR B 187 11.13 10.74 4.15
CA TYR B 187 9.89 10.86 4.88
C TYR B 187 9.42 12.30 4.75
N ILE B 188 8.45 12.55 3.89
CA ILE B 188 7.89 13.88 3.79
C ILE B 188 6.81 13.98 4.86
N GLN B 189 6.86 15.04 5.65
CA GLN B 189 5.93 15.19 6.77
C GLN B 189 4.75 16.15 6.47
N GLY B 190 3.65 15.92 7.18
CA GLY B 190 2.46 16.76 7.15
C GLY B 190 1.53 16.55 5.98
N ILE B 191 1.35 15.32 5.51
CA ILE B 191 0.64 15.05 4.25
C ILE B 191 -0.89 14.79 4.36
N HIS B 199 -6.27 28.20 -2.40
CA HIS B 199 -5.76 27.45 -1.25
C HIS B 199 -5.21 26.02 -1.56
N LEU B 200 -5.55 25.45 -2.72
CA LEU B 200 -5.27 24.03 -3.01
C LEU B 200 -3.79 23.65 -3.35
N ALA B 201 -3.05 24.56 -3.98
CA ALA B 201 -1.64 24.29 -4.37
C ALA B 201 -0.66 24.33 -3.17
N GLU B 202 -1.16 24.74 -2.01
CA GLU B 202 -0.38 24.80 -0.80
C GLU B 202 -0.47 23.53 0.05
N ASN B 203 -1.35 22.57 -0.29
CA ASN B 203 -1.43 21.35 0.52
C ASN B 203 -0.22 20.47 0.30
N PRO B 204 0.33 19.90 1.40
CA PRO B 204 1.57 19.14 1.29
C PRO B 204 1.49 18.03 0.28
N ILE B 205 0.32 17.41 0.14
CA ILE B 205 0.13 16.43 -0.91
C ILE B 205 0.39 16.99 -2.33
N HIS B 206 -0.04 18.22 -2.60
CA HIS B 206 0.12 18.77 -3.92
C HIS B 206 1.60 19.00 -4.22
N LYS B 207 2.24 19.68 -3.27
CA LYS B 207 3.64 20.00 -3.32
C LYS B 207 4.48 18.72 -3.40
N ALA B 208 4.06 17.69 -2.67
CA ALA B 208 4.82 16.42 -2.67
C ALA B 208 4.66 15.73 -4.01
N ALA B 209 3.53 15.93 -4.70
CA ALA B 209 3.34 15.39 -6.05
C ALA B 209 4.22 16.07 -7.08
N LEU B 210 4.48 17.37 -6.90
CA LEU B 210 5.42 18.12 -7.74
C LEU B 210 6.85 17.60 -7.55
N PHE B 211 7.21 17.38 -6.30
CA PHE B 211 8.50 16.78 -6.03
C PHE B 211 8.66 15.43 -6.74
N LEU B 212 7.67 14.57 -6.56
CA LEU B 212 7.65 13.23 -7.17
C LEU B 212 7.78 13.31 -8.70
N GLN B 213 7.11 14.29 -9.32
CA GLN B 213 7.22 14.55 -10.76
C GLN B 213 8.67 14.71 -11.15
N GLU B 214 9.34 15.54 -10.37
CA GLU B 214 10.73 15.91 -10.62
C GLU B 214 11.65 14.71 -10.45
N LEU B 215 11.56 14.08 -9.30
CA LEU B 215 12.42 12.98 -8.96
C LEU B 215 12.37 11.94 -10.07
N THR B 216 11.17 11.69 -10.59
CA THR B 216 10.97 10.63 -11.57
C THR B 216 11.23 10.99 -13.05
N THR B 217 11.59 12.25 -13.37
CA THR B 217 12.14 12.54 -14.68
C THR B 217 13.45 13.30 -14.71
N TYR B 218 13.96 13.74 -13.58
CA TYR B 218 15.21 14.51 -13.61
C TYR B 218 16.25 13.66 -14.30
N GLN B 219 16.92 14.22 -15.30
CA GLN B 219 17.93 13.47 -16.06
C GLN B 219 19.24 13.70 -15.38
N TRP B 220 19.69 12.70 -14.65
CA TRP B 220 20.92 12.80 -13.86
C TRP B 220 22.14 12.97 -14.79
N ASP B 221 22.07 12.33 -15.95
CA ASP B 221 23.10 12.41 -16.96
C ASP B 221 22.62 11.60 -18.14
N LYS B 222 23.40 11.59 -19.21
CA LYS B 222 23.07 10.81 -20.38
C LYS B 222 24.10 9.68 -20.55
N GLY B 223 24.73 9.29 -19.44
CA GLY B 223 25.81 8.32 -19.49
C GLY B 223 27.03 8.96 -20.12
N ASN B 224 27.98 8.15 -20.57
CA ASN B 224 29.19 8.68 -21.24
C ASN B 224 29.72 7.67 -22.24
N GLU B 225 30.99 7.80 -22.63
CA GLU B 225 31.58 6.89 -23.63
C GLU B 225 31.61 5.45 -23.08
N PHE B 226 31.84 5.32 -21.79
CA PHE B 226 32.02 4.02 -21.20
C PHE B 226 30.78 3.51 -20.47
N PHE B 227 29.78 4.37 -20.22
CA PHE B 227 28.57 3.99 -19.45
C PHE B 227 27.23 4.36 -20.07
N PRO B 228 26.19 3.55 -19.78
CA PRO B 228 24.82 3.99 -19.99
C PRO B 228 24.38 4.91 -18.87
N PRO B 229 23.22 5.57 -19.03
CA PRO B 229 22.78 6.61 -18.09
C PRO B 229 22.50 6.12 -16.68
N THR B 230 22.69 7.01 -15.73
CA THR B 230 22.21 6.83 -14.36
C THR B 230 20.70 6.62 -14.41
N SER B 231 20.21 5.65 -13.63
CA SER B 231 18.80 5.37 -13.49
C SER B 231 18.35 5.51 -12.00
N LEU B 232 17.10 5.90 -11.82
CA LEU B 232 16.43 5.97 -10.53
C LEU B 232 15.26 4.99 -10.63
N GLN B 233 14.98 4.24 -9.58
CA GLN B 233 13.75 3.46 -9.51
C GLN B 233 13.18 3.58 -8.10
N ILE B 234 11.85 3.53 -7.99
CA ILE B 234 11.17 3.64 -6.72
C ILE B 234 10.96 2.24 -6.19
N ALA B 235 11.44 1.98 -4.99
CA ALA B 235 11.18 0.70 -4.33
C ALA B 235 9.88 0.77 -3.47
N ASN B 236 9.57 1.94 -2.92
CA ASN B 236 8.43 2.10 -1.98
C ASN B 236 7.92 3.54 -2.04
N ILE B 237 6.59 3.68 -2.08
CA ILE B 237 5.89 4.94 -1.82
C ILE B 237 4.72 4.62 -0.94
N HIS B 238 4.66 5.18 0.26
CA HIS B 238 3.55 4.89 1.18
C HIS B 238 3.00 6.19 1.77
N ALA B 239 1.68 6.32 1.78
CA ALA B 239 1.00 7.40 2.49
C ALA B 239 -0.40 6.98 2.86
N GLY B 240 -0.83 7.42 4.04
CA GLY B 240 -2.18 7.21 4.49
C GLY B 240 -2.32 5.98 5.35
N THR B 241 -3.56 5.76 5.79
CA THR B 241 -3.89 4.82 6.85
C THR B 241 -3.93 3.42 6.36
N GLY B 242 -4.18 3.25 5.08
CA GLY B 242 -4.37 1.92 4.53
C GLY B 242 -3.10 1.13 4.47
N SER B 243 -3.30 -0.16 4.19
CA SER B 243 -2.25 -1.15 4.01
C SER B 243 -1.43 -1.32 5.28
N ASN B 244 -2.08 -1.20 6.44
CA ASN B 244 -1.38 -1.34 7.72
C ASN B 244 -0.22 -0.34 7.88
N ASN B 245 -0.30 0.82 7.24
CA ASN B 245 0.79 1.80 7.32
C ASN B 245 0.93 2.33 8.75
N VAL B 246 2.12 2.19 9.35
CA VAL B 246 2.31 2.71 10.73
C VAL B 246 2.86 4.11 10.84
N ILE B 247 3.15 4.75 9.72
CA ILE B 247 3.43 6.19 9.70
C ILE B 247 2.53 6.88 8.69
N PRO B 248 1.22 6.88 8.95
CA PRO B 248 0.27 7.31 7.90
C PRO B 248 0.32 8.81 7.51
N ALA B 249 0.69 9.67 8.46
CA ALA B 249 0.77 11.12 8.23
C ALA B 249 2.06 11.52 7.50
N GLU B 250 2.88 10.54 7.14
CA GLU B 250 4.06 10.80 6.30
C GLU B 250 3.92 10.20 4.91
N LEU B 251 4.57 10.83 3.94
CA LEU B 251 4.74 10.29 2.60
C LEU B 251 6.14 9.73 2.60
N TYR B 252 6.25 8.41 2.53
CA TYR B 252 7.56 7.74 2.54
C TYR B 252 7.85 7.35 1.10
N ILE B 253 9.05 7.68 0.63
CA ILE B 253 9.53 7.27 -0.69
C ILE B 253 10.93 6.70 -0.50
N GLN B 254 11.13 5.46 -0.91
CA GLN B 254 12.44 4.84 -0.99
C GLN B 254 12.75 4.66 -2.45
N PHE B 255 13.92 5.10 -2.87
CA PHE B 255 14.30 5.01 -4.27
C PHE B 255 15.79 4.70 -4.38
N ASN B 256 16.18 4.06 -5.48
CA ASN B 256 17.55 3.60 -5.68
C ASN B 256 18.06 4.26 -6.93
N LEU B 257 19.32 4.71 -6.90
CA LEU B 257 20.01 5.15 -8.09
C LEU B 257 21.17 4.16 -8.44
N ARG B 258 21.13 3.62 -9.66
CA ARG B 258 22.26 2.91 -10.23
C ARG B 258 23.01 3.93 -11.10
N TYR B 259 24.08 4.50 -10.60
CA TYR B 259 24.64 5.74 -11.19
C TYR B 259 26.04 5.60 -11.84
N CYS B 260 26.26 6.32 -12.94
CA CYS B 260 27.55 6.29 -13.60
C CYS B 260 28.47 7.37 -13.05
N THR B 261 29.68 7.48 -13.63
CA THR B 261 30.72 8.39 -13.14
C THR B 261 30.43 9.83 -13.51
N GLU B 262 29.43 10.04 -14.35
CA GLU B 262 29.00 11.41 -14.65
C GLU B 262 28.45 12.12 -13.43
N VAL B 263 28.03 11.39 -12.40
CA VAL B 263 27.60 12.02 -11.13
C VAL B 263 28.25 11.33 -9.92
N THR B 264 28.16 11.94 -8.74
CA THR B 264 28.63 11.35 -7.49
C THR B 264 27.51 11.26 -6.42
N ASP B 265 27.74 10.50 -5.36
CA ASP B 265 26.78 10.45 -4.24
C ASP B 265 26.51 11.83 -3.70
N GLU B 266 27.52 12.69 -3.71
CA GLU B 266 27.35 14.02 -3.19
C GLU B 266 26.42 14.89 -4.08
N ILE B 267 26.62 14.84 -5.40
CA ILE B 267 25.72 15.53 -6.33
C ILE B 267 24.27 15.03 -6.22
N ILE B 268 24.09 13.71 -6.12
CA ILE B 268 22.76 13.13 -5.95
C ILE B 268 22.05 13.66 -4.69
N LYS B 269 22.75 13.67 -3.55
CA LYS B 269 22.13 14.10 -2.31
C LYS B 269 21.82 15.58 -2.36
N GLN B 270 22.77 16.38 -2.81
CA GLN B 270 22.55 17.80 -2.92
C GLN B 270 21.38 18.12 -3.80
N LYS B 271 21.31 17.47 -4.95
CA LYS B 271 20.25 17.77 -5.90
C LYS B 271 18.90 17.41 -5.34
N VAL B 272 18.81 16.27 -4.66
CA VAL B 272 17.54 15.86 -4.09
C VAL B 272 17.11 16.88 -3.02
N ALA B 273 18.04 17.28 -2.18
CA ALA B 273 17.77 18.25 -1.13
C ALA B 273 17.28 19.57 -1.74
N GLU B 274 17.93 19.99 -2.83
CA GLU B 274 17.53 21.23 -3.52
C GLU B 274 16.08 21.15 -3.99
N MET B 275 15.69 20.02 -4.57
CA MET B 275 14.34 19.89 -5.14
C MET B 275 13.28 19.98 -4.05
N LEU B 276 13.54 19.32 -2.93
CA LEU B 276 12.66 19.41 -1.75
C LEU B 276 12.50 20.84 -1.21
N GLU B 277 13.63 21.55 -1.09
CA GLU B 277 13.67 22.94 -0.62
C GLU B 277 12.79 23.86 -1.44
N LYS B 278 12.84 23.70 -2.76
CA LYS B 278 12.05 24.49 -3.67
C LYS B 278 10.55 24.39 -3.40
N HIS B 279 10.12 23.31 -2.74
CA HIS B 279 8.70 23.12 -2.45
C HIS B 279 8.33 23.38 -0.98
N ASN B 280 9.26 23.94 -0.23
CA ASN B 280 9.06 24.10 1.19
C ASN B 280 8.47 22.87 1.91
N LEU B 281 9.00 21.69 1.63
CA LEU B 281 8.52 20.49 2.31
C LEU B 281 9.33 20.25 3.55
N LYS B 282 8.65 19.85 4.61
CA LYS B 282 9.30 19.43 5.85
C LYS B 282 9.56 17.93 5.71
N TYR B 283 10.81 17.52 5.88
CA TYR B 283 11.20 16.15 5.56
C TYR B 283 12.43 15.69 6.31
N ARG B 284 12.59 14.37 6.45
CA ARG B 284 13.89 13.81 6.80
C ARG B 284 14.30 12.76 5.75
N ILE B 285 15.61 12.62 5.55
CA ILE B 285 16.14 11.74 4.50
C ILE B 285 17.38 11.02 5.05
N GLU B 286 17.42 9.70 4.87
CA GLU B 286 18.57 8.88 5.23
C GLU B 286 19.09 8.27 3.94
N TRP B 287 20.40 8.34 3.74
CA TRP B 287 20.99 7.86 2.51
C TRP B 287 21.85 6.67 2.80
N ASN B 288 21.79 5.67 1.93
CA ASN B 288 22.58 4.47 2.12
C ASN B 288 23.37 4.23 0.84
N LEU B 289 24.68 4.51 0.91
CA LEU B 289 25.60 4.32 -0.23
C LEU B 289 26.18 2.93 -0.12
N SER B 290 25.79 2.02 -1.00
CA SER B 290 26.25 0.65 -0.90
C SER B 290 27.39 0.36 -1.84
N GLY B 291 27.37 0.99 -3.02
CA GLY B 291 28.41 0.75 -4.01
C GLY B 291 28.78 2.00 -4.79
N LYS B 292 30.04 2.09 -5.21
CA LYS B 292 30.46 3.21 -6.03
C LYS B 292 30.73 2.73 -7.42
N PRO B 293 30.57 3.63 -8.41
CA PRO B 293 30.93 3.22 -9.75
C PRO B 293 32.46 3.03 -9.88
N PHE B 294 32.88 2.25 -10.89
CA PHE B 294 34.29 2.15 -11.22
C PHE B 294 34.44 2.00 -12.72
N LEU B 295 35.56 2.52 -13.21
CA LEU B 295 36.02 2.32 -14.59
C LEU B 295 37.52 2.18 -14.49
N THR B 296 38.01 0.95 -14.67
CA THR B 296 39.43 0.68 -14.68
C THR B 296 40.05 0.99 -16.06
N LYS B 297 40.85 2.04 -16.07
CA LYS B 297 41.46 2.55 -17.27
C LYS B 297 42.72 1.72 -17.52
N PRO B 298 43.33 1.86 -18.71
CA PRO B 298 44.59 1.21 -18.98
C PRO B 298 45.60 1.49 -17.90
N GLY B 299 46.35 0.46 -17.54
CA GLY B 299 47.31 0.61 -16.47
C GLY B 299 47.65 -0.74 -15.93
N LYS B 300 48.27 -0.71 -14.76
CA LYS B 300 48.76 -1.93 -14.12
C LYS B 300 47.73 -3.07 -14.07
N LEU B 301 46.57 -2.79 -13.46
CA LEU B 301 45.55 -3.82 -13.29
C LEU B 301 45.02 -4.35 -14.61
N LEU B 302 44.57 -3.43 -15.46
CA LEU B 302 43.95 -3.83 -16.73
C LEU B 302 44.95 -4.53 -17.67
N ASP B 303 46.20 -4.08 -17.65
CA ASP B 303 47.26 -4.74 -18.41
C ASP B 303 47.57 -6.13 -17.87
N SER B 304 47.55 -6.29 -16.54
CA SER B 304 47.88 -7.59 -15.95
C SER B 304 46.93 -8.68 -16.41
N ILE B 305 45.63 -8.39 -16.51
CA ILE B 305 44.64 -9.40 -16.96
C ILE B 305 44.56 -9.52 -18.50
N THR B 306 44.56 -8.41 -19.21
CA THR B 306 44.65 -8.44 -20.67
C THR B 306 45.86 -9.24 -21.14
N SER B 307 47.02 -8.95 -20.59
CA SER B 307 48.21 -9.70 -20.91
C SER B 307 48.07 -11.16 -20.47
N ALA B 308 47.47 -11.40 -19.30
CA ALA B 308 47.31 -12.79 -18.81
C ALA B 308 46.51 -13.62 -19.78
N ILE B 309 45.48 -13.03 -20.38
CA ILE B 309 44.59 -13.73 -21.31
C ILE B 309 45.26 -13.90 -22.66
N GLU B 310 45.96 -12.86 -23.09
CA GLU B 310 46.75 -12.93 -24.32
C GLU B 310 47.81 -14.04 -24.20
N GLU B 311 48.45 -14.12 -23.06
CA GLU B 311 49.51 -15.12 -22.85
C GLU B 311 48.98 -16.53 -22.92
N THR B 312 47.92 -16.77 -22.16
CA THR B 312 47.38 -18.09 -22.00
C THR B 312 46.65 -18.61 -23.25
N ILE B 313 45.70 -17.85 -23.78
CA ILE B 313 44.91 -18.36 -24.89
C ILE B 313 45.08 -17.64 -26.25
N GLY B 314 45.80 -16.54 -26.31
CA GLY B 314 46.07 -15.93 -27.63
C GLY B 314 44.96 -15.06 -28.19
N ILE B 315 44.17 -14.49 -27.29
CA ILE B 315 43.01 -13.68 -27.62
C ILE B 315 43.13 -12.38 -26.83
N THR B 316 42.58 -11.28 -27.35
CA THR B 316 42.59 -10.01 -26.60
C THR B 316 41.18 -9.68 -26.13
N PRO B 317 40.99 -9.55 -24.81
CA PRO B 317 39.68 -9.25 -24.31
C PRO B 317 39.24 -7.84 -24.65
N LYS B 318 38.04 -7.64 -25.13
CA LYS B 318 37.53 -6.26 -25.11
C LYS B 318 36.96 -5.91 -23.71
N ALA B 319 37.16 -4.65 -23.34
CA ALA B 319 36.77 -4.10 -22.07
C ALA B 319 35.32 -3.68 -22.19
N GLU B 320 34.44 -4.15 -21.29
CA GLU B 320 33.02 -3.76 -21.28
C GLU B 320 32.52 -3.34 -19.90
N THR B 321 31.49 -2.51 -19.90
CA THR B 321 30.82 -2.06 -18.69
C THR B 321 29.51 -2.78 -18.57
N GLY B 322 29.12 -3.11 -17.35
CA GLY B 322 27.84 -3.80 -17.13
C GLY B 322 27.76 -5.19 -17.74
N GLY B 323 26.53 -5.71 -17.82
CA GLY B 323 26.28 -7.10 -18.20
C GLY B 323 26.30 -8.04 -17.01
N GLY B 324 25.27 -8.87 -16.90
CA GLY B 324 25.04 -9.71 -15.72
C GLY B 324 25.08 -8.92 -14.42
N THR B 325 25.54 -9.55 -13.35
CA THR B 325 25.58 -8.91 -12.03
C THR B 325 26.91 -9.22 -11.34
N SER B 326 27.29 -8.38 -10.39
CA SER B 326 28.41 -8.66 -9.51
C SER B 326 28.44 -7.74 -8.30
N ASP B 327 29.32 -8.10 -7.37
CA ASP B 327 29.59 -7.31 -6.14
C ASP B 327 30.74 -6.30 -6.30
N GLY B 328 31.22 -6.13 -7.53
CA GLY B 328 32.24 -5.14 -7.90
C GLY B 328 32.06 -3.74 -7.31
N ARG B 329 30.87 -3.16 -7.48
CA ARG B 329 30.59 -1.81 -6.97
C ARG B 329 30.65 -1.74 -5.45
N PHE B 330 30.34 -2.84 -4.77
CA PHE B 330 30.38 -2.86 -3.30
C PHE B 330 31.83 -2.79 -2.82
N ILE B 331 32.73 -3.40 -3.61
CA ILE B 331 34.16 -3.37 -3.32
C ILE B 331 34.76 -2.04 -3.77
N ALA B 332 34.28 -1.49 -4.88
CA ALA B 332 34.81 -0.20 -5.31
C ALA B 332 34.46 0.90 -4.29
N LEU B 333 33.48 0.65 -3.41
CA LEU B 333 33.15 1.64 -2.35
C LEU B 333 34.36 1.97 -1.48
N MET B 334 35.29 1.03 -1.36
CA MET B 334 36.43 1.23 -0.47
C MET B 334 37.66 1.73 -1.18
N GLY B 335 37.56 1.98 -2.48
CA GLY B 335 38.66 2.57 -3.27
C GLY B 335 39.55 1.58 -4.03
N ALA B 336 39.23 0.28 -3.95
CA ALA B 336 39.85 -0.73 -4.82
C ALA B 336 39.68 -0.43 -6.31
N GLU B 337 40.65 -0.86 -7.13
CA GLU B 337 40.46 -0.85 -8.58
C GLU B 337 39.88 -2.19 -8.95
N VAL B 338 38.89 -2.22 -9.83
CA VAL B 338 38.19 -3.46 -10.02
C VAL B 338 38.13 -3.88 -11.47
N VAL B 339 38.41 -5.16 -11.67
CA VAL B 339 38.15 -5.79 -12.92
C VAL B 339 37.45 -7.10 -12.61
N GLU B 340 36.81 -7.67 -13.63
CA GLU B 340 36.08 -8.95 -13.56
C GLU B 340 36.43 -9.77 -14.78
N PHE B 341 36.59 -11.07 -14.58
CA PHE B 341 36.83 -11.99 -15.68
C PHE B 341 36.42 -13.41 -15.32
N GLY B 342 35.92 -14.14 -16.30
CA GLY B 342 35.51 -15.51 -16.04
C GLY B 342 34.99 -16.20 -17.28
N PRO B 343 34.43 -17.41 -17.09
CA PRO B 343 33.98 -18.27 -18.17
C PRO B 343 32.81 -17.72 -18.97
N LEU B 344 32.45 -18.44 -20.03
CA LEU B 344 31.25 -18.17 -20.82
C LEU B 344 30.07 -18.02 -19.88
N ASN B 345 29.22 -17.04 -20.15
CA ASN B 345 28.08 -16.73 -19.28
C ASN B 345 26.72 -17.09 -19.89
N SER B 346 26.75 -17.72 -21.05
CA SER B 346 25.54 -17.95 -21.82
C SER B 346 24.56 -18.98 -21.21
N THR B 347 25.05 -19.89 -20.35
CA THR B 347 24.17 -20.83 -19.66
C THR B 347 23.78 -20.40 -18.22
N ILE B 348 24.17 -19.21 -17.77
CA ILE B 348 23.99 -18.90 -16.36
C ILE B 348 22.51 -18.71 -16.05
N HIS B 349 22.13 -19.07 -14.83
CA HIS B 349 20.75 -18.93 -14.37
C HIS B 349 19.77 -19.72 -15.25
N LYS B 350 20.21 -20.81 -15.88
CA LYS B 350 19.36 -21.59 -16.78
C LYS B 350 19.44 -23.09 -16.54
N VAL B 351 18.48 -23.80 -17.11
CA VAL B 351 18.48 -25.25 -17.06
C VAL B 351 19.75 -25.70 -17.80
N ASN B 352 20.38 -26.77 -17.31
CA ASN B 352 21.57 -27.34 -17.92
C ASN B 352 22.77 -26.39 -17.96
N GLU B 353 22.87 -25.55 -16.94
CA GLU B 353 24.05 -24.73 -16.75
C GLU B 353 25.28 -25.64 -16.76
N CYS B 354 26.29 -25.24 -17.49
CA CYS B 354 27.49 -26.03 -17.58
C CYS B 354 28.67 -25.15 -17.95
N VAL B 355 29.86 -25.75 -18.05
CA VAL B 355 31.10 -24.99 -18.27
C VAL B 355 32.16 -25.96 -18.82
N SER B 356 32.96 -25.50 -19.77
CA SER B 356 34.07 -26.32 -20.30
C SER B 356 35.17 -26.47 -19.25
N VAL B 357 35.57 -27.72 -19.02
CA VAL B 357 36.61 -28.06 -18.05
C VAL B 357 37.99 -27.58 -18.52
N GLU B 358 38.24 -27.65 -19.82
CA GLU B 358 39.44 -27.01 -20.40
C GLU B 358 39.42 -25.49 -20.15
N ASP B 359 38.27 -24.85 -20.34
CA ASP B 359 38.13 -23.43 -19.96
C ASP B 359 38.41 -23.19 -18.46
N LEU B 360 37.96 -24.11 -17.60
CA LEU B 360 38.28 -23.98 -16.17
C LEU B 360 39.77 -24.01 -15.95
N GLY B 361 40.47 -24.92 -16.62
CA GLY B 361 41.94 -24.98 -16.56
C GLY B 361 42.55 -23.68 -17.04
N LYS B 362 42.14 -23.25 -18.21
CA LYS B 362 42.65 -22.01 -18.78
C LYS B 362 42.39 -20.85 -17.84
N CYS B 363 41.21 -20.81 -17.23
CA CYS B 363 40.92 -19.73 -16.27
C CYS B 363 41.91 -19.73 -15.14
N GLY B 364 42.17 -20.91 -14.58
CA GLY B 364 43.18 -21.04 -13.51
C GLY B 364 44.55 -20.46 -13.90
N GLU B 365 44.94 -20.70 -15.15
CA GLU B 365 46.24 -20.24 -15.65
C GLU B 365 46.21 -18.72 -15.78
N ILE B 366 45.09 -18.21 -16.28
CA ILE B 366 44.90 -16.77 -16.47
C ILE B 366 44.97 -16.02 -15.15
N TYR B 367 44.26 -16.51 -14.15
CA TYR B 367 44.28 -15.84 -12.82
C TYR B 367 45.68 -15.87 -12.20
N HIS B 368 46.37 -17.00 -12.34
CA HIS B 368 47.76 -17.14 -11.87
C HIS B 368 48.69 -16.15 -12.58
N LYS B 369 48.66 -16.15 -13.92
CA LYS B 369 49.43 -15.19 -14.72
C LYS B 369 49.12 -13.72 -14.33
N MET B 370 47.87 -13.46 -13.96
CA MET B 370 47.48 -12.11 -13.54
C MET B 370 48.18 -11.74 -12.25
N LEU B 371 48.25 -12.66 -11.31
CA LEU B 371 49.03 -12.43 -10.09
C LEU B 371 50.52 -12.18 -10.38
N VAL B 372 51.07 -12.98 -11.29
CA VAL B 372 52.50 -12.84 -11.62
C VAL B 372 52.73 -11.48 -12.30
N ASN B 373 51.81 -11.10 -13.18
CA ASN B 373 51.91 -9.81 -13.87
C ASN B 373 51.80 -8.65 -12.86
N LEU B 374 50.83 -8.70 -11.95
CA LEU B 374 50.61 -7.63 -10.94
C LEU B 374 51.79 -7.45 -9.99
N LEU B 375 52.22 -8.55 -9.41
CA LEU B 375 53.40 -8.59 -8.55
C LEU B 375 54.60 -8.78 -9.50
N ASP B 376 55.65 -9.48 -9.06
CA ASP B 376 56.60 -10.08 -10.01
C ASP B 376 57.12 -11.41 -9.44
ZN ZN C . -29.70 5.56 14.55
ZN ZN D . -26.46 4.68 15.82
C1 GOL E . -19.30 1.32 -12.95
O1 GOL E . -18.72 2.52 -13.42
C2 GOL E . -18.52 0.80 -11.74
O2 GOL E . -19.18 1.12 -10.52
C3 GOL E . -17.10 1.37 -11.77
O3 GOL E . -16.19 0.66 -10.96
S SO4 F . -20.90 14.22 7.01
O1 SO4 F . -20.63 15.57 6.53
O2 SO4 F . -21.57 13.49 5.94
O3 SO4 F . -19.65 13.55 7.37
O4 SO4 F . -21.74 14.25 8.18
S SO4 G . -42.04 23.18 -2.18
O1 SO4 G . -40.80 23.53 -2.90
O2 SO4 G . -43.14 22.98 -3.16
O3 SO4 G . -41.87 21.92 -1.43
O4 SO4 G . -42.38 24.27 -1.26
C1 GOL H . 33.69 -24.11 -24.78
O1 GOL H . 32.48 -23.94 -24.04
C2 GOL H . 33.84 -25.52 -25.35
O2 GOL H . 34.82 -26.27 -24.66
C3 GOL H . 34.19 -25.50 -26.85
O3 GOL H . 33.76 -26.71 -27.44
S SO4 I . 22.31 -6.23 -9.04
O1 SO4 I . 23.77 -6.38 -9.20
O2 SO4 I . 21.78 -5.45 -10.16
O3 SO4 I . 21.73 -7.57 -9.03
O4 SO4 I . 22.00 -5.57 -7.78
S SO4 J . 22.39 -8.86 -19.05
O1 SO4 J . 22.52 -7.41 -18.94
O2 SO4 J . 22.40 -9.24 -20.47
O3 SO4 J . 23.51 -9.54 -18.40
O4 SO4 J . 21.15 -9.29 -18.41
S SO4 K . 25.74 -2.37 -13.81
O1 SO4 K . 25.06 -2.18 -12.55
O2 SO4 K . 26.71 -1.31 -13.89
O3 SO4 K . 26.38 -3.66 -13.83
O4 SO4 K . 24.74 -2.30 -14.85
ZN ZN L . 24.32 -15.02 -10.82
ZN ZN M . 27.56 -14.54 -10.10
#